data_6INW
#
_entry.id   6INW
#
_cell.length_a   160.842
_cell.length_b   62.201
_cell.length_c   113.556
_cell.angle_alpha   90.00
_cell.angle_beta   113.50
_cell.angle_gamma   90.00
#
_symmetry.space_group_name_H-M   'C 1 2 1'
#
loop_
_entity.id
_entity.type
_entity.pdbx_description
1 polymer 'O-methyltransferase lepI'
2 non-polymer S-ADENOSYLMETHIONINE
3 water water
#
_entity_poly.entity_id   1
_entity_poly.type   'polypeptide(L)'
_entity_poly.pdbx_seq_one_letter_code
;GSH(MSE)ETVAAIKTLIQQLAQSTDQFGRAEINDALRELQYSLETPFDTV(MSE)R(MSE)SLDTCQVAVARIGSDLGL
FKHLSQCASPQSAEELADHLGCGREL(MSE)SRLLRY(MSE)ASVR(MSE)VQQTDDIKYISSNITQTLAVPGLEAG
(MSE)RHAFENLWPVL(MSE)ALPDFLAERKYPDIVDAKDTAFQKAFNTDQDCFHWLATQPTRIANFKVLLTDERTPNFL
STFPLEKELGSWSAEPEKALFVDIGGG(MSE)GHACIRLREKYPNQPGRVILQDLPPVLQAAQATLPLSGIES(MSE)PH
NFHTPQPVQGAKFYFLRLILRDFPDHQALEILQNIVPA(MSE)DAESRIVIDDGVPPEKGARWAETGTDICI(MSE)SAL
GSKERTQRQWEELAAKAGLQLQALYQYTWPVVNAA(MSE)VFSLQ
;
_entity_poly.pdbx_strand_id   A,B
#
loop_
_chem_comp.id
_chem_comp.type
_chem_comp.name
_chem_comp.formula
SAM non-polymer S-ADENOSYLMETHIONINE 'C15 H22 N6 O5 S'
#
# COMPACT_ATOMS: atom_id res chain seq x y z
N HIS A 3 13.71 -13.55 22.28
CA HIS A 3 13.58 -12.85 21.00
C HIS A 3 12.46 -13.49 20.20
N MSE A 4 12.67 -14.73 19.81
CA MSE A 4 11.69 -15.54 19.10
C MSE A 4 10.55 -15.85 20.02
O MSE A 4 9.42 -15.91 19.59
CB MSE A 4 12.26 -16.94 18.81
CG MSE A 4 13.05 -17.23 17.55
SE MSE A 4 12.67 -18.95 16.60
CE MSE A 4 12.14 -20.02 18.17
N GLU A 5 10.87 -16.12 21.26
CA GLU A 5 9.89 -16.56 22.24
C GLU A 5 8.91 -15.46 22.62
N THR A 6 9.44 -14.27 22.75
CA THR A 6 8.63 -13.12 23.03
C THR A 6 7.64 -12.84 21.88
N VAL A 7 8.14 -12.93 20.67
CA VAL A 7 7.32 -12.72 19.51
C VAL A 7 6.22 -13.78 19.44
N ALA A 8 6.59 -15.02 19.64
CA ALA A 8 5.57 -16.07 19.62
C ALA A 8 4.53 -15.85 20.70
N ALA A 9 4.96 -15.35 21.86
CA ALA A 9 4.02 -15.11 22.96
C ALA A 9 3.07 -13.96 22.64
N ILE A 10 3.58 -12.90 22.01
CA ILE A 10 2.71 -11.81 21.56
C ILE A 10 1.65 -12.35 20.62
N LYS A 11 2.06 -13.16 19.64
CA LYS A 11 1.12 -13.73 18.69
C LYS A 11 0.07 -14.58 19.39
N THR A 12 0.52 -15.46 20.30
CA THR A 12 -0.42 -16.30 21.04
C THR A 12 -1.43 -15.44 21.80
N LEU A 13 -0.95 -14.39 22.47
CA LEU A 13 -1.83 -13.57 23.30
C LEU A 13 -2.82 -12.79 22.44
N ILE A 14 -2.35 -12.17 21.35
CA ILE A 14 -3.23 -11.42 20.47
C ILE A 14 -4.26 -12.36 19.83
N GLN A 15 -3.83 -13.57 19.45
CA GLN A 15 -4.78 -14.54 18.88
C GLN A 15 -5.85 -14.92 19.90
N GLN A 16 -5.46 -15.16 21.15
CA GLN A 16 -6.43 -15.50 22.18
C GLN A 16 -7.37 -14.34 22.46
N LEU A 17 -6.84 -13.11 22.52
CA LEU A 17 -7.71 -11.95 22.73
C LEU A 17 -8.68 -11.78 21.57
N ALA A 18 -8.21 -11.99 20.33
CA ALA A 18 -9.09 -11.89 19.18
C ALA A 18 -10.19 -12.94 19.24
N GLN A 19 -9.84 -14.17 19.62
CA GLN A 19 -10.85 -15.20 19.82
C GLN A 19 -11.80 -14.85 20.95
N SER A 20 -11.33 -14.12 21.96
CA SER A 20 -12.16 -13.80 23.11
C SER A 20 -13.32 -12.88 22.76
N THR A 21 -13.16 -12.05 21.74
CA THR A 21 -14.11 -10.99 21.42
C THR A 21 -14.90 -11.33 20.17
N ASP A 22 -15.73 -10.39 19.72
CA ASP A 22 -16.53 -10.54 18.52
C ASP A 22 -15.84 -9.84 17.34
N GLN A 23 -16.52 -9.79 16.20
CA GLN A 23 -15.89 -9.25 14.99
C GLN A 23 -15.55 -7.76 15.15
N PHE A 24 -16.34 -7.01 15.90
CA PHE A 24 -16.05 -5.60 16.10
C PHE A 24 -14.83 -5.42 17.01
N GLY A 25 -14.73 -6.24 18.06
CA GLY A 25 -13.53 -6.22 18.87
C GLY A 25 -12.29 -6.60 18.09
N ARG A 26 -12.41 -7.57 17.18
CA ARG A 26 -11.28 -7.96 16.35
C ARG A 26 -10.89 -6.83 15.40
N ALA A 27 -11.87 -6.11 14.85
CA ALA A 27 -11.55 -4.97 14.00
C ALA A 27 -10.80 -3.89 14.79
N GLU A 28 -11.25 -3.63 16.02
CA GLU A 28 -10.55 -2.65 16.85
C GLU A 28 -9.13 -3.10 17.16
N ILE A 29 -8.95 -4.40 17.45
CA ILE A 29 -7.61 -4.92 17.70
C ILE A 29 -6.73 -4.74 16.47
N ASN A 30 -7.27 -5.01 15.28
CA ASN A 30 -6.46 -4.88 14.06
C ASN A 30 -6.04 -3.42 13.84
N ASP A 31 -6.96 -2.48 14.06
CA ASP A 31 -6.59 -1.07 13.94
C ASP A 31 -5.51 -0.71 14.95
N ALA A 32 -5.59 -1.26 16.17
CA ALA A 32 -4.57 -1.00 17.18
C ALA A 32 -3.22 -1.54 16.74
N LEU A 33 -3.20 -2.75 16.15
CA LEU A 33 -1.95 -3.32 15.67
C LEU A 33 -1.33 -2.44 14.59
N ARG A 34 -2.16 -1.93 13.69
CA ARG A 34 -1.66 -1.02 12.65
C ARG A 34 -1.07 0.24 13.27
N GLU A 35 -1.79 0.84 14.22
CA GLU A 35 -1.29 2.05 14.86
C GLU A 35 0.03 1.80 15.59
N LEU A 36 0.14 0.64 16.24
CA LEU A 36 1.37 0.27 16.92
C LEU A 36 2.51 0.13 15.94
N GLN A 37 2.25 -0.54 14.81
CA GLN A 37 3.27 -0.70 13.79
C GLN A 37 3.77 0.65 13.29
N TYR A 38 2.85 1.55 12.98
CA TYR A 38 3.26 2.88 12.50
C TYR A 38 4.03 3.64 13.56
N SER A 39 3.62 3.52 14.83
CA SER A 39 4.29 4.28 15.88
C SER A 39 5.69 3.71 16.18
N LEU A 40 5.89 2.41 15.99
CA LEU A 40 7.15 1.77 16.37
C LEU A 40 8.15 1.65 15.22
N GLU A 41 7.74 1.89 13.98
CA GLU A 41 8.67 1.76 12.87
C GLU A 41 9.69 2.90 12.87
N THR A 42 10.86 2.63 12.30
CA THR A 42 11.87 3.65 12.13
C THR A 42 11.54 4.54 10.93
N PRO A 43 12.14 5.73 10.82
CA PRO A 43 11.93 6.55 9.61
C PRO A 43 12.20 5.80 8.33
N PHE A 44 13.34 5.10 8.28
CA PHE A 44 13.65 4.25 7.13
C PHE A 44 12.55 3.23 6.91
N ASP A 45 12.08 2.59 7.98
CA ASP A 45 10.98 1.63 7.88
C ASP A 45 9.73 2.28 7.29
N THR A 46 9.43 3.51 7.69
CA THR A 46 8.27 4.21 7.15
C THR A 46 8.38 4.33 5.63
N VAL A 47 9.53 4.83 5.16
CA VAL A 47 9.67 5.02 3.72
C VAL A 47 9.67 3.67 3.00
N MSE A 48 10.27 2.66 3.61
CA MSE A 48 10.32 1.32 2.99
C MSE A 48 8.91 0.72 2.88
O MSE A 48 8.56 0.14 1.85
CB MSE A 48 11.23 0.40 3.79
CG MSE A 48 11.42 -0.96 3.14
SE MSE A 48 12.60 -0.83 1.60
CE MSE A 48 14.03 -1.99 2.25
N ARG A 49 8.12 0.86 3.95
CA ARG A 49 6.75 0.38 3.94
C ARG A 49 5.94 1.07 2.85
N MSE A 50 6.07 2.40 2.75
CA MSE A 50 5.34 3.12 1.71
C MSE A 50 5.82 2.75 0.30
O MSE A 50 5.04 2.76 -0.65
CB MSE A 50 5.46 4.62 1.93
CG MSE A 50 4.71 5.08 3.17
SE MSE A 50 4.83 7.00 3.44
CE MSE A 50 3.87 7.13 5.13
N SER A 51 7.11 2.42 0.17
CA SER A 51 7.65 2.03 -1.12
C SER A 51 7.17 0.65 -1.53
N LEU A 52 7.06 -0.28 -0.59
CA LEU A 52 6.91 -1.69 -0.94
C LEU A 52 5.48 -2.22 -0.79
N ASP A 53 4.64 -1.60 0.04
CA ASP A 53 3.29 -2.11 0.19
C ASP A 53 2.47 -1.98 -1.09
N THR A 54 2.92 -1.12 -2.02
CA THR A 54 2.28 -1.00 -3.32
C THR A 54 2.42 -2.29 -4.13
N CYS A 55 3.44 -3.09 -3.84
CA CYS A 55 3.64 -4.35 -4.56
C CYS A 55 2.48 -5.32 -4.37
N GLN A 56 1.77 -5.22 -3.25
CA GLN A 56 0.76 -6.23 -2.93
C GLN A 56 -0.35 -6.27 -3.98
N VAL A 57 -0.84 -5.10 -4.40
CA VAL A 57 -1.94 -5.09 -5.37
C VAL A 57 -1.47 -5.61 -6.71
N ALA A 58 -0.27 -5.20 -7.16
CA ALA A 58 0.23 -5.68 -8.45
C ALA A 58 0.44 -7.19 -8.43
N VAL A 59 1.01 -7.71 -7.34
CA VAL A 59 1.29 -9.14 -7.28
C VAL A 59 0.00 -9.94 -7.12
N ALA A 60 -0.99 -9.40 -6.39
CA ALA A 60 -2.29 -10.05 -6.34
C ALA A 60 -2.94 -10.06 -7.71
N ARG A 61 -2.79 -8.97 -8.46
CA ARG A 61 -3.30 -8.94 -9.83
C ARG A 61 -2.65 -10.00 -10.70
N ILE A 62 -1.32 -10.17 -10.55
CA ILE A 62 -0.63 -11.21 -11.33
C ILE A 62 -1.15 -12.59 -10.95
N GLY A 63 -1.28 -12.86 -9.65
CA GLY A 63 -1.78 -14.14 -9.22
C GLY A 63 -3.19 -14.42 -9.70
N SER A 64 -4.02 -13.37 -9.74
CA SER A 64 -5.37 -13.50 -10.30
C SER A 64 -5.33 -13.82 -11.78
N ASP A 65 -4.46 -13.13 -12.53
CA ASP A 65 -4.32 -13.44 -13.96
C ASP A 65 -3.90 -14.87 -14.16
N LEU A 66 -3.01 -15.39 -13.31
CA LEU A 66 -2.54 -16.76 -13.43
C LEU A 66 -3.54 -17.80 -12.91
N GLY A 67 -4.56 -17.36 -12.17
CA GLY A 67 -5.43 -18.33 -11.51
C GLY A 67 -4.77 -19.01 -10.32
N LEU A 68 -3.72 -18.40 -9.77
CA LEU A 68 -2.93 -19.07 -8.73
C LEU A 68 -3.74 -19.27 -7.46
N PHE A 69 -4.54 -18.27 -7.07
CA PHE A 69 -5.19 -18.33 -5.77
C PHE A 69 -6.29 -19.38 -5.74
N LYS A 70 -7.08 -19.49 -6.80
CA LYS A 70 -8.11 -20.53 -6.84
C LYS A 70 -7.48 -21.93 -6.88
N HIS A 71 -6.43 -22.08 -7.69
CA HIS A 71 -5.76 -23.38 -7.78
C HIS A 71 -5.17 -23.79 -6.43
N LEU A 72 -4.44 -22.88 -5.79
CA LEU A 72 -3.87 -23.19 -4.48
C LEU A 72 -4.95 -23.45 -3.45
N SER A 73 -6.08 -22.75 -3.55
CA SER A 73 -7.19 -22.96 -2.62
C SER A 73 -7.78 -24.35 -2.76
N GLN A 74 -7.76 -24.93 -3.95
CA GLN A 74 -8.28 -26.28 -4.11
C GLN A 74 -7.23 -27.37 -3.92
N CYS A 75 -5.97 -27.02 -3.63
CA CYS A 75 -4.90 -28.01 -3.51
C CYS A 75 -4.97 -28.72 -2.16
N ALA A 76 -4.84 -30.05 -2.19
CA ALA A 76 -4.94 -30.86 -0.97
C ALA A 76 -3.62 -30.91 -0.19
N SER A 77 -2.49 -30.77 -0.86
CA SER A 77 -1.18 -30.89 -0.25
C SER A 77 -0.33 -29.68 -0.61
N PRO A 78 0.74 -29.42 0.14
CA PRO A 78 1.65 -28.32 -0.23
C PRO A 78 2.21 -28.53 -1.63
N GLN A 79 2.40 -27.42 -2.34
CA GLN A 79 2.88 -27.43 -3.72
C GLN A 79 4.24 -26.75 -3.78
N SER A 80 5.16 -27.34 -4.55
CA SER A 80 6.42 -26.67 -4.80
C SER A 80 6.23 -25.55 -5.81
N ALA A 81 7.17 -24.61 -5.82
CA ALA A 81 7.16 -23.55 -6.82
C ALA A 81 7.24 -24.13 -8.23
N GLU A 82 8.03 -25.18 -8.41
CA GLU A 82 8.12 -25.85 -9.70
C GLU A 82 6.75 -26.38 -10.15
N GLU A 83 6.05 -27.08 -9.25
CA GLU A 83 4.75 -27.63 -9.59
C GLU A 83 3.76 -26.52 -9.96
N LEU A 84 3.73 -25.46 -9.15
CA LEU A 84 2.84 -24.33 -9.42
C LEU A 84 3.16 -23.68 -10.76
N ALA A 85 4.45 -23.47 -11.04
CA ALA A 85 4.85 -22.84 -12.30
C ALA A 85 4.43 -23.68 -13.49
N ASP A 86 4.71 -24.99 -13.43
CA ASP A 86 4.36 -25.84 -14.55
C ASP A 86 2.84 -25.93 -14.74
N HIS A 87 2.09 -26.00 -13.64
CA HIS A 87 0.65 -26.12 -13.78
C HIS A 87 0.02 -24.84 -14.32
N LEU A 88 0.52 -23.69 -13.89
CA LEU A 88 -0.12 -22.42 -14.23
C LEU A 88 0.48 -21.74 -15.47
N GLY A 89 1.52 -22.32 -16.06
CA GLY A 89 2.12 -21.71 -17.25
C GLY A 89 2.89 -20.45 -16.94
N CYS A 90 3.75 -20.52 -15.93
CA CYS A 90 4.57 -19.40 -15.50
C CYS A 90 6.02 -19.84 -15.48
N GLY A 91 6.92 -18.89 -15.73
CA GLY A 91 8.33 -19.20 -15.61
C GLY A 91 8.67 -19.62 -14.20
N ARG A 92 9.56 -20.62 -14.08
CA ARG A 92 9.84 -21.20 -12.78
C ARG A 92 10.50 -20.20 -11.85
N GLU A 93 11.46 -19.43 -12.36
CA GLU A 93 12.12 -18.41 -11.56
C GLU A 93 11.13 -17.31 -11.15
N LEU A 94 10.35 -16.82 -12.12
CA LEU A 94 9.34 -15.81 -11.82
C LEU A 94 8.35 -16.33 -10.79
N MSE A 95 7.91 -17.57 -10.94
CA MSE A 95 6.94 -18.16 -10.02
C MSE A 95 7.52 -18.24 -8.61
O MSE A 95 6.85 -17.92 -7.64
CB MSE A 95 6.50 -19.53 -10.50
CG MSE A 95 5.58 -20.27 -9.54
SE MSE A 95 3.88 -19.36 -9.29
CE MSE A 95 3.00 -19.89 -10.93
N SER A 96 8.78 -18.69 -8.52
CA SER A 96 9.43 -18.80 -7.21
C SER A 96 9.55 -17.43 -6.54
N ARG A 97 9.94 -16.41 -7.29
CA ARG A 97 10.08 -15.08 -6.70
C ARG A 97 8.73 -14.52 -6.29
N LEU A 98 7.70 -14.71 -7.13
CA LEU A 98 6.36 -14.26 -6.77
C LEU A 98 5.87 -14.96 -5.51
N LEU A 99 6.09 -16.26 -5.40
CA LEU A 99 5.62 -17.00 -4.23
C LEU A 99 6.37 -16.58 -2.98
N ARG A 100 7.68 -16.34 -3.09
CA ARG A 100 8.42 -15.83 -1.93
C ARG A 100 7.84 -14.51 -1.46
N TYR A 101 7.59 -13.59 -2.40
CA TYR A 101 7.01 -12.31 -2.01
C TYR A 101 5.64 -12.52 -1.37
N MSE A 102 4.80 -13.34 -1.98
CA MSE A 102 3.45 -13.55 -1.47
C MSE A 102 3.48 -14.13 -0.06
O MSE A 102 2.72 -13.71 0.81
CB MSE A 102 2.66 -14.45 -2.40
CG MSE A 102 2.25 -13.79 -3.70
SE MSE A 102 1.39 -15.08 -4.83
CE MSE A 102 1.33 -14.12 -6.51
N ALA A 103 4.37 -15.11 0.16
CA ALA A 103 4.49 -15.72 1.48
C ALA A 103 4.92 -14.69 2.51
N SER A 104 5.77 -13.74 2.11
CA SER A 104 6.22 -12.72 3.05
C SER A 104 5.09 -11.78 3.47
N VAL A 105 4.01 -11.66 2.69
CA VAL A 105 2.88 -10.84 3.06
C VAL A 105 1.62 -11.68 3.27
N ARG A 106 1.79 -12.97 3.52
CA ARG A 106 0.71 -13.92 3.85
C ARG A 106 -0.31 -14.08 2.73
N MSE A 107 0.04 -13.69 1.51
CA MSE A 107 -0.86 -13.91 0.37
C MSE A 107 -0.94 -15.39 0.06
O MSE A 107 -1.93 -15.88 -0.48
CB MSE A 107 -0.38 -13.12 -0.85
CG MSE A 107 -1.52 -12.58 -1.69
SE MSE A 107 -0.87 -11.35 -3.03
CE MSE A 107 -0.15 -9.99 -1.84
N VAL A 108 0.14 -16.10 0.39
CA VAL A 108 0.18 -17.55 0.54
C VAL A 108 0.96 -17.87 1.80
N GLN A 109 1.06 -19.15 2.13
CA GLN A 109 1.90 -19.59 3.23
C GLN A 109 3.00 -20.49 2.70
N GLN A 110 4.22 -20.26 3.19
CA GLN A 110 5.38 -21.07 2.83
C GLN A 110 5.66 -22.08 3.94
N THR A 111 5.85 -23.34 3.57
CA THR A 111 6.11 -24.38 4.54
C THR A 111 7.60 -24.46 4.86
N ASP A 112 7.95 -25.26 5.87
CA ASP A 112 9.33 -25.38 6.29
C ASP A 112 10.21 -26.06 5.23
N ASP A 113 9.62 -26.85 4.33
CA ASP A 113 10.36 -27.43 3.22
C ASP A 113 10.20 -26.63 1.94
N ILE A 114 9.91 -25.33 2.08
CA ILE A 114 9.81 -24.38 0.97
C ILE A 114 8.79 -24.87 -0.06
N LYS A 115 7.62 -25.27 0.41
CA LYS A 115 6.47 -25.50 -0.44
C LYS A 115 5.39 -24.52 -0.02
N TYR A 116 4.25 -24.53 -0.72
CA TYR A 116 3.28 -23.45 -0.57
C TYR A 116 1.88 -24.00 -0.40
N ILE A 117 1.13 -23.37 0.52
CA ILE A 117 -0.25 -23.72 0.81
C ILE A 117 -1.06 -22.43 0.87
N SER A 118 -2.37 -22.57 0.80
CA SER A 118 -3.25 -21.42 0.86
C SER A 118 -3.32 -20.86 2.28
N SER A 119 -3.39 -19.54 2.38
CA SER A 119 -3.68 -18.82 3.60
C SER A 119 -5.12 -18.30 3.52
N ASN A 120 -5.55 -17.60 4.58
CA ASN A 120 -6.86 -16.94 4.53
C ASN A 120 -6.94 -15.98 3.36
N ILE A 121 -5.83 -15.28 3.07
CA ILE A 121 -5.82 -14.32 1.98
C ILE A 121 -5.88 -15.03 0.62
N THR A 122 -5.23 -16.19 0.49
CA THR A 122 -5.37 -16.98 -0.73
C THR A 122 -6.83 -17.30 -1.00
N GLN A 123 -7.53 -17.83 0.00
CA GLN A 123 -8.93 -18.17 -0.16
C GLN A 123 -9.76 -16.94 -0.49
N THR A 124 -9.49 -15.82 0.18
CA THR A 124 -10.21 -14.59 -0.10
C THR A 124 -10.05 -14.18 -1.56
N LEU A 125 -8.81 -14.18 -2.05
CA LEU A 125 -8.56 -13.75 -3.43
C LEU A 125 -9.09 -14.75 -4.45
N ALA A 126 -9.39 -15.99 -4.03
CA ALA A 126 -10.06 -16.93 -4.92
C ALA A 126 -11.56 -16.67 -5.07
N VAL A 127 -12.17 -15.93 -4.16
CA VAL A 127 -13.62 -15.67 -4.23
C VAL A 127 -13.88 -14.62 -5.32
N PRO A 128 -14.79 -14.89 -6.27
CA PRO A 128 -14.95 -13.97 -7.42
C PRO A 128 -15.26 -12.53 -7.06
N GLY A 129 -16.18 -12.28 -6.14
CA GLY A 129 -16.51 -10.90 -5.79
C GLY A 129 -15.35 -10.16 -5.15
N LEU A 130 -14.61 -10.85 -4.27
CA LEU A 130 -13.48 -10.20 -3.61
C LEU A 130 -12.30 -10.03 -4.57
N GLU A 131 -12.04 -11.05 -5.40
CA GLU A 131 -11.04 -10.89 -6.48
C GLU A 131 -11.39 -9.70 -7.35
N ALA A 132 -12.68 -9.52 -7.67
CA ALA A 132 -13.10 -8.39 -8.50
C ALA A 132 -12.86 -7.06 -7.78
N GLY A 133 -13.04 -7.04 -6.45
CA GLY A 133 -12.69 -5.84 -5.71
C GLY A 133 -11.20 -5.50 -5.81
N MSE A 134 -10.35 -6.51 -5.70
CA MSE A 134 -8.91 -6.30 -5.83
C MSE A 134 -8.56 -5.78 -7.24
O MSE A 134 -7.77 -4.83 -7.41
CB MSE A 134 -8.16 -7.59 -5.50
CG MSE A 134 -6.66 -7.49 -5.67
SE MSE A 134 -6.15 -7.92 -7.48
CE MSE A 134 -6.85 -9.73 -7.56
N ARG A 135 -9.16 -6.41 -8.25
CA ARG A 135 -8.90 -6.01 -9.63
C ARG A 135 -9.40 -4.59 -9.88
N HIS A 136 -10.53 -4.22 -9.26
CA HIS A 136 -11.03 -2.85 -9.35
C HIS A 136 -10.06 -1.87 -8.72
N ALA A 137 -9.47 -2.23 -7.58
CA ALA A 137 -8.44 -1.37 -6.98
C ALA A 137 -7.28 -1.18 -7.94
N PHE A 138 -6.87 -2.25 -8.63
CA PHE A 138 -5.70 -2.15 -9.51
C PHE A 138 -6.01 -1.30 -10.75
N GLU A 139 -7.10 -1.61 -11.45
CA GLU A 139 -7.34 -1.00 -12.76
C GLU A 139 -8.10 0.32 -12.70
N ASN A 140 -8.85 0.59 -11.64
CA ASN A 140 -9.66 1.80 -11.53
C ASN A 140 -9.15 2.78 -10.49
N LEU A 141 -8.91 2.33 -9.29
CA LEU A 141 -8.41 3.23 -8.29
C LEU A 141 -6.95 3.71 -8.46
N TRP A 142 -6.06 2.81 -8.80
CA TRP A 142 -4.66 3.17 -8.87
C TRP A 142 -4.39 4.29 -9.84
N PRO A 143 -4.98 4.23 -11.02
CA PRO A 143 -4.73 5.29 -11.97
C PRO A 143 -5.17 6.64 -11.51
N VAL A 144 -6.31 6.72 -10.89
CA VAL A 144 -6.83 7.98 -10.40
C VAL A 144 -5.96 8.51 -9.25
N LEU A 145 -5.53 7.61 -8.36
CA LEU A 145 -4.64 8.04 -7.27
C LEU A 145 -3.29 8.48 -7.82
N MSE A 146 -2.80 7.85 -8.89
CA MSE A 146 -1.54 8.26 -9.47
C MSE A 146 -1.66 9.63 -10.15
O MSE A 146 -0.70 10.41 -10.17
CB MSE A 146 -1.02 7.23 -10.50
CG MSE A 146 0.23 7.73 -11.22
SE MSE A 146 1.61 6.39 -11.35
CE MSE A 146 2.53 6.87 -9.76
N ALA A 147 -2.83 9.91 -10.70
CA ALA A 147 -3.07 11.20 -11.34
C ALA A 147 -3.33 12.33 -10.35
N LEU A 148 -3.80 12.00 -9.15
CA LEU A 148 -4.27 13.04 -8.22
C LEU A 148 -3.22 14.08 -7.85
N PRO A 149 -1.98 13.74 -7.47
CA PRO A 149 -1.05 14.80 -7.03
C PRO A 149 -0.75 15.83 -8.12
N ASP A 150 -0.44 15.39 -9.33
CA ASP A 150 -0.16 16.35 -10.40
C ASP A 150 -1.42 17.11 -10.82
N PHE A 151 -2.59 16.46 -10.75
CA PHE A 151 -3.83 17.17 -11.03
C PHE A 151 -4.03 18.32 -10.06
N LEU A 152 -3.84 18.06 -8.76
CA LEU A 152 -4.00 19.11 -7.76
C LEU A 152 -2.95 20.19 -7.91
N ALA A 153 -1.71 19.81 -8.24
CA ALA A 153 -0.66 20.81 -8.41
C ALA A 153 -0.96 21.71 -9.61
N GLU A 154 -1.34 21.11 -10.74
CA GLU A 154 -1.68 21.87 -11.93
C GLU A 154 -2.77 22.91 -11.65
N ARG A 155 -3.76 22.52 -10.85
CA ARG A 155 -4.95 23.34 -10.63
C ARG A 155 -4.87 24.17 -9.35
N LYS A 156 -3.69 24.27 -8.74
CA LYS A 156 -3.49 25.04 -7.52
C LYS A 156 -4.47 24.60 -6.43
N TYR A 157 -4.64 23.28 -6.30
CA TYR A 157 -5.29 22.62 -5.17
C TYR A 157 -6.71 23.11 -4.95
N PRO A 158 -7.63 22.82 -5.86
CA PRO A 158 -9.03 23.26 -5.67
C PRO A 158 -9.80 22.28 -4.82
N ASP A 159 -10.92 22.76 -4.28
CA ASP A 159 -11.90 21.89 -3.66
C ASP A 159 -12.70 21.21 -4.77
N ILE A 160 -12.59 19.89 -4.84
CA ILE A 160 -13.21 19.13 -5.93
C ILE A 160 -14.68 18.90 -5.60
N VAL A 161 -15.57 19.37 -6.48
CA VAL A 161 -17.00 19.29 -6.27
C VAL A 161 -17.76 18.81 -7.50
N ASP A 162 -17.07 18.51 -8.60
CA ASP A 162 -17.73 18.14 -9.85
C ASP A 162 -17.17 16.81 -10.34
N ALA A 163 -18.09 15.89 -10.67
CA ALA A 163 -17.69 14.57 -11.17
C ALA A 163 -16.99 14.65 -12.51
N LYS A 164 -17.21 15.72 -13.28
CA LYS A 164 -16.59 15.89 -14.59
C LYS A 164 -15.30 16.69 -14.55
N ASP A 165 -14.82 17.07 -13.35
CA ASP A 165 -13.59 17.86 -13.22
C ASP A 165 -12.84 17.40 -11.97
N THR A 166 -12.27 16.20 -12.04
CA THR A 166 -11.48 15.65 -10.94
C THR A 166 -10.32 14.87 -11.55
N ALA A 167 -9.64 14.08 -10.72
CA ALA A 167 -8.44 13.38 -11.18
C ALA A 167 -8.76 12.36 -12.27
N PHE A 168 -9.98 11.82 -12.26
CA PHE A 168 -10.35 10.77 -13.20
C PHE A 168 -10.13 11.22 -14.65
N GLN A 169 -10.53 12.45 -14.97
CA GLN A 169 -10.41 12.94 -16.35
C GLN A 169 -8.97 12.95 -16.80
N LYS A 170 -8.04 13.33 -15.91
CA LYS A 170 -6.63 13.30 -16.26
C LYS A 170 -6.12 11.87 -16.32
N ALA A 171 -6.58 11.01 -15.41
CA ALA A 171 -6.08 9.64 -15.35
C ALA A 171 -6.43 8.86 -16.61
N PHE A 172 -7.62 9.07 -17.16
CA PHE A 172 -8.06 8.29 -18.30
C PHE A 172 -8.23 9.12 -19.57
N ASN A 173 -7.73 10.35 -19.59
CA ASN A 173 -7.67 11.20 -20.77
C ASN A 173 -9.04 11.29 -21.46
N THR A 174 -9.99 11.71 -20.70
CA THR A 174 -11.34 11.82 -21.17
C THR A 174 -12.04 12.97 -20.53
N ASP A 175 -13.08 13.44 -21.21
CA ASP A 175 -13.93 14.51 -20.71
C ASP A 175 -15.14 13.97 -19.98
N GLN A 176 -15.42 12.71 -20.13
CA GLN A 176 -16.54 12.10 -19.50
C GLN A 176 -16.38 11.90 -17.98
N ASP A 177 -17.48 11.85 -17.24
CA ASP A 177 -17.39 11.43 -15.85
C ASP A 177 -17.22 9.92 -15.80
N CYS A 178 -16.92 9.42 -14.60
CA CYS A 178 -16.59 8.01 -14.44
C CYS A 178 -17.73 7.13 -14.93
N PHE A 179 -18.97 7.50 -14.61
CA PHE A 179 -20.11 6.65 -14.95
C PHE A 179 -20.33 6.57 -16.46
N HIS A 180 -20.19 7.69 -17.17
CA HIS A 180 -20.33 7.65 -18.62
C HIS A 180 -19.18 6.89 -19.26
N TRP A 181 -17.97 7.06 -18.73
CA TRP A 181 -16.79 6.43 -19.32
C TRP A 181 -16.81 4.92 -19.13
N LEU A 182 -17.34 4.44 -18.00
CA LEU A 182 -17.37 3.00 -17.76
C LEU A 182 -18.22 2.27 -18.78
N ALA A 183 -19.32 2.89 -19.24
CA ALA A 183 -20.17 2.25 -20.25
C ALA A 183 -19.43 1.93 -21.53
N THR A 184 -18.33 2.62 -21.84
CA THR A 184 -17.57 2.33 -23.06
C THR A 184 -16.45 1.30 -22.85
N GLN A 185 -16.28 0.77 -21.64
CA GLN A 185 -15.18 -0.16 -21.33
C GLN A 185 -15.69 -1.56 -20.98
N PRO A 186 -15.63 -2.53 -21.90
CA PRO A 186 -16.27 -3.83 -21.63
C PRO A 186 -15.66 -4.62 -20.46
N THR A 187 -14.34 -4.73 -20.39
CA THR A 187 -13.71 -5.53 -19.34
C THR A 187 -14.00 -4.96 -17.96
N ARG A 188 -13.99 -3.63 -17.84
CA ARG A 188 -14.31 -3.00 -16.56
C ARG A 188 -15.75 -3.24 -16.18
N ILE A 189 -16.66 -3.21 -17.16
CA ILE A 189 -18.07 -3.52 -16.89
C ILE A 189 -18.19 -4.96 -16.39
N ALA A 190 -17.48 -5.90 -17.02
CA ALA A 190 -17.55 -7.29 -16.57
C ALA A 190 -17.04 -7.46 -15.15
N ASN A 191 -15.92 -6.81 -14.84
CA ASN A 191 -15.39 -6.89 -13.48
C ASN A 191 -16.36 -6.27 -12.48
N PHE A 192 -16.99 -5.15 -12.83
CA PHE A 192 -17.97 -4.54 -11.93
C PHE A 192 -19.18 -5.45 -11.75
N LYS A 193 -19.59 -6.13 -12.82
CA LYS A 193 -20.68 -7.10 -12.71
C LYS A 193 -20.34 -8.18 -11.69
N VAL A 194 -19.10 -8.66 -11.72
CA VAL A 194 -18.72 -9.66 -10.72
C VAL A 194 -18.66 -9.03 -9.33
N LEU A 195 -18.18 -7.79 -9.24
CA LEU A 195 -18.04 -7.14 -7.94
C LEU A 195 -19.38 -6.92 -7.28
N LEU A 196 -20.43 -6.72 -8.07
CA LEU A 196 -21.78 -6.55 -7.51
C LEU A 196 -22.25 -7.79 -6.75
N THR A 197 -21.71 -8.98 -7.07
CA THR A 197 -22.17 -10.20 -6.42
C THR A 197 -21.65 -10.33 -4.99
N ASP A 198 -20.62 -9.58 -4.62
CA ASP A 198 -20.13 -9.63 -3.25
C ASP A 198 -21.11 -8.93 -2.32
N GLU A 199 -21.46 -9.61 -1.22
CA GLU A 199 -22.41 -9.08 -0.24
C GLU A 199 -21.65 -8.76 1.03
N ARG A 200 -21.73 -7.50 1.47
CA ARG A 200 -21.07 -7.10 2.69
C ARG A 200 -21.79 -7.68 3.91
N THR A 201 -21.00 -7.98 4.94
CA THR A 201 -21.53 -8.49 6.19
C THR A 201 -20.81 -7.80 7.35
N PRO A 202 -21.52 -7.44 8.43
CA PRO A 202 -22.97 -7.62 8.60
C PRO A 202 -23.77 -6.58 7.82
N ASN A 203 -25.09 -6.65 7.88
CA ASN A 203 -25.94 -5.69 7.19
C ASN A 203 -26.87 -5.03 8.19
N PHE A 204 -27.63 -4.04 7.69
CA PHE A 204 -28.40 -3.16 8.57
C PHE A 204 -29.47 -3.93 9.36
N LEU A 205 -29.95 -5.05 8.83
CA LEU A 205 -31.01 -5.79 9.52
C LEU A 205 -30.53 -6.39 10.84
N SER A 206 -29.22 -6.42 11.11
CA SER A 206 -28.75 -6.93 12.39
C SER A 206 -29.13 -6.01 13.54
N THR A 207 -29.31 -4.71 13.29
CA THR A 207 -29.68 -3.76 14.34
C THR A 207 -30.91 -2.92 14.00
N PHE A 208 -31.47 -3.04 12.81
CA PHE A 208 -32.59 -2.21 12.41
C PHE A 208 -33.86 -2.69 13.09
N PRO A 209 -34.49 -1.88 13.95
CA PRO A 209 -35.74 -2.32 14.61
C PRO A 209 -36.94 -2.19 13.68
N LEU A 210 -37.11 -3.21 12.85
CA LEU A 210 -38.09 -3.15 11.76
C LEU A 210 -39.50 -2.96 12.30
N GLU A 211 -39.93 -3.84 13.21
CA GLU A 211 -41.27 -3.74 13.76
C GLU A 211 -41.52 -2.38 14.42
N LYS A 212 -40.52 -1.85 15.12
CA LYS A 212 -40.70 -0.55 15.78
C LYS A 212 -40.87 0.57 14.75
N GLU A 213 -40.01 0.58 13.73
CA GLU A 213 -40.12 1.60 12.68
C GLU A 213 -41.40 1.45 11.87
N LEU A 214 -41.90 0.23 11.73
CA LEU A 214 -43.12 -0.01 10.98
C LEU A 214 -44.33 0.59 11.69
N GLY A 215 -44.38 0.46 13.01
CA GLY A 215 -45.55 0.91 13.75
C GLY A 215 -46.78 0.17 13.29
N SER A 216 -47.85 0.92 13.05
CA SER A 216 -49.12 0.35 12.62
C SER A 216 -49.32 0.44 11.12
N TRP A 217 -48.24 0.68 10.36
CA TRP A 217 -48.33 0.78 8.91
C TRP A 217 -49.00 -0.45 8.34
N SER A 218 -49.93 -0.24 7.42
CA SER A 218 -50.70 -1.33 6.85
C SER A 218 -50.21 -1.58 5.42
N ALA A 219 -50.00 -2.86 5.11
CA ALA A 219 -49.68 -3.24 3.74
C ALA A 219 -50.93 -3.26 2.87
N GLU A 220 -52.12 -3.25 3.48
CA GLU A 220 -53.35 -3.31 2.72
C GLU A 220 -53.64 -1.94 2.12
N PRO A 221 -54.20 -1.88 0.90
CA PRO A 221 -54.58 -3.10 0.17
C PRO A 221 -53.47 -3.74 -0.65
N GLU A 222 -52.54 -2.95 -1.19
CA GLU A 222 -51.44 -3.52 -1.97
C GLU A 222 -50.21 -2.62 -1.95
N LYS A 223 -49.81 -2.19 -0.75
CA LYS A 223 -48.73 -1.21 -0.61
C LYS A 223 -47.37 -1.89 -0.59
N ALA A 224 -46.33 -1.07 -0.78
CA ALA A 224 -44.96 -1.56 -0.84
C ALA A 224 -44.29 -1.36 0.50
N LEU A 225 -43.71 -2.44 1.03
CA LEU A 225 -42.95 -2.35 2.27
C LEU A 225 -41.57 -1.75 2.05
N PHE A 226 -40.89 -2.17 0.98
CA PHE A 226 -39.46 -1.93 0.82
C PHE A 226 -39.16 -1.72 -0.67
N VAL A 227 -38.63 -0.55 -1.01
CA VAL A 227 -38.23 -0.24 -2.37
C VAL A 227 -36.72 -0.02 -2.36
N ASP A 228 -35.98 -0.96 -2.95
CA ASP A 228 -34.52 -0.99 -2.92
C ASP A 228 -34.01 -0.23 -4.14
N ILE A 229 -33.67 1.04 -3.96
CA ILE A 229 -33.34 1.92 -5.08
C ILE A 229 -31.86 1.78 -5.41
N GLY A 230 -31.56 1.34 -6.62
CA GLY A 230 -30.20 0.97 -6.97
C GLY A 230 -29.74 -0.25 -6.18
N GLY A 231 -30.61 -1.24 -6.00
CA GLY A 231 -30.37 -2.39 -5.15
C GLY A 231 -29.44 -3.44 -5.71
N GLY A 232 -28.94 -3.27 -6.92
CA GLY A 232 -27.96 -4.20 -7.46
C GLY A 232 -28.52 -5.60 -7.58
N MSE A 233 -27.87 -6.56 -6.92
CA MSE A 233 -28.32 -7.95 -6.91
C MSE A 233 -29.56 -8.15 -6.03
O MSE A 233 -30.13 -9.23 -6.00
CB MSE A 233 -27.18 -8.86 -6.43
CG MSE A 233 -25.96 -8.83 -7.32
SE MSE A 233 -26.37 -9.42 -9.13
CE MSE A 233 -26.51 -7.70 -10.02
N GLY A 234 -29.93 -7.11 -5.30
CA GLY A 234 -31.08 -7.21 -4.41
C GLY A 234 -30.80 -7.93 -3.11
N HIS A 235 -29.54 -7.92 -2.66
CA HIS A 235 -29.19 -8.59 -1.42
C HIS A 235 -30.02 -8.06 -0.24
N ALA A 236 -30.26 -6.76 -0.21
CA ALA A 236 -31.06 -6.19 0.88
C ALA A 236 -32.48 -6.78 0.87
N CYS A 237 -33.09 -6.88 -0.31
CA CYS A 237 -34.43 -7.46 -0.42
C CYS A 237 -34.43 -8.93 0.02
N ILE A 238 -33.42 -9.69 -0.40
CA ILE A 238 -33.33 -11.10 -0.05
C ILE A 238 -33.22 -11.26 1.46
N ARG A 239 -32.32 -10.50 2.09
CA ARG A 239 -32.13 -10.59 3.53
C ARG A 239 -33.35 -10.11 4.29
N LEU A 240 -34.05 -9.09 3.78
CA LEU A 240 -35.25 -8.62 4.46
C LEU A 240 -36.33 -9.69 4.44
N ARG A 241 -36.58 -10.28 3.28
CA ARG A 241 -37.58 -11.35 3.21
C ARG A 241 -37.17 -12.56 4.05
N GLU A 242 -35.86 -12.80 4.17
CA GLU A 242 -35.40 -13.92 4.96
C GLU A 242 -35.61 -13.68 6.46
N LYS A 243 -35.28 -12.47 6.94
CA LYS A 243 -35.40 -12.19 8.36
C LYS A 243 -36.84 -11.93 8.78
N TYR A 244 -37.66 -11.36 7.89
CA TYR A 244 -39.04 -11.01 8.19
C TYR A 244 -39.97 -11.66 7.18
N PRO A 245 -40.05 -13.00 7.19
CA PRO A 245 -40.83 -13.69 6.16
C PRO A 245 -42.32 -13.47 6.27
N ASN A 246 -42.82 -13.07 7.44
CA ASN A 246 -44.26 -12.91 7.65
C ASN A 246 -44.74 -11.47 7.51
N GLN A 247 -43.84 -10.51 7.31
CA GLN A 247 -44.27 -9.12 7.17
C GLN A 247 -44.88 -8.89 5.79
N PRO A 248 -46.11 -8.42 5.70
CA PRO A 248 -46.73 -8.20 4.38
C PRO A 248 -46.25 -6.92 3.73
N GLY A 249 -46.46 -6.83 2.41
CA GLY A 249 -46.06 -5.67 1.65
C GLY A 249 -45.13 -6.00 0.50
N ARG A 250 -45.22 -5.23 -0.59
CA ARG A 250 -44.37 -5.47 -1.74
C ARG A 250 -42.92 -5.17 -1.40
N VAL A 251 -42.02 -6.03 -1.90
CA VAL A 251 -40.58 -5.81 -1.79
C VAL A 251 -40.06 -5.70 -3.21
N ILE A 252 -39.53 -4.53 -3.55
CA ILE A 252 -39.26 -4.16 -4.95
C ILE A 252 -37.78 -3.84 -5.09
N LEU A 253 -37.11 -4.54 -6.01
CA LEU A 253 -35.74 -4.24 -6.39
C LEU A 253 -35.75 -3.34 -7.61
N GLN A 254 -35.16 -2.16 -7.50
CA GLN A 254 -35.08 -1.21 -8.60
C GLN A 254 -33.62 -1.02 -9.02
N ASP A 255 -33.36 -1.18 -10.31
CA ASP A 255 -32.03 -0.94 -10.86
C ASP A 255 -32.16 -0.82 -12.38
N LEU A 256 -31.03 -0.72 -13.06
CA LEU A 256 -31.03 -0.64 -14.52
C LEU A 256 -31.19 -2.05 -15.11
N PRO A 257 -31.72 -2.15 -16.33
CA PRO A 257 -32.10 -3.47 -16.90
C PRO A 257 -30.96 -4.48 -16.91
N PRO A 258 -29.72 -4.11 -17.30
CA PRO A 258 -28.66 -5.14 -17.29
C PRO A 258 -28.39 -5.70 -15.92
N VAL A 259 -28.44 -4.86 -14.89
CA VAL A 259 -28.22 -5.31 -13.52
C VAL A 259 -29.38 -6.20 -13.05
N LEU A 260 -30.62 -5.81 -13.37
CA LEU A 260 -31.76 -6.67 -13.01
C LEU A 260 -31.67 -8.03 -13.68
N GLN A 261 -31.29 -8.04 -14.97
CA GLN A 261 -31.10 -9.31 -15.65
C GLN A 261 -30.04 -10.14 -14.96
N ALA A 262 -28.92 -9.52 -14.58
CA ALA A 262 -27.89 -10.26 -13.85
C ALA A 262 -28.40 -10.79 -12.51
N ALA A 263 -29.30 -10.05 -11.85
CA ALA A 263 -29.80 -10.45 -10.55
C ALA A 263 -30.84 -11.56 -10.62
N GLN A 264 -31.49 -11.73 -11.79
CA GLN A 264 -32.64 -12.63 -11.87
C GLN A 264 -32.30 -14.06 -11.41
N ALA A 265 -31.10 -14.54 -11.71
CA ALA A 265 -30.79 -15.95 -11.47
C ALA A 265 -30.80 -16.28 -9.98
N THR A 266 -30.24 -15.41 -9.15
CA THR A 266 -30.10 -15.67 -7.72
C THR A 266 -31.24 -15.10 -6.89
N LEU A 267 -32.20 -14.41 -7.50
CA LEU A 267 -33.36 -13.94 -6.77
C LEU A 267 -34.30 -15.12 -6.46
N PRO A 268 -35.04 -15.05 -5.35
CA PRO A 268 -36.05 -16.08 -5.07
C PRO A 268 -37.14 -16.11 -6.14
N LEU A 269 -37.78 -17.27 -6.26
CA LEU A 269 -38.79 -17.45 -7.29
C LEU A 269 -40.00 -16.54 -7.06
N SER A 270 -40.26 -16.15 -5.82
CA SER A 270 -41.41 -15.31 -5.53
C SER A 270 -41.07 -14.38 -4.36
N GLY A 271 -41.82 -13.27 -4.29
CA GLY A 271 -41.75 -12.36 -3.17
C GLY A 271 -40.96 -11.09 -3.41
N ILE A 272 -40.16 -11.02 -4.47
CA ILE A 272 -39.34 -9.85 -4.76
C ILE A 272 -39.54 -9.45 -6.22
N GLU A 273 -40.07 -8.25 -6.42
CA GLU A 273 -40.27 -7.74 -7.77
C GLU A 273 -38.99 -7.10 -8.30
N SER A 274 -38.74 -7.29 -9.59
CA SER A 274 -37.65 -6.61 -10.29
C SER A 274 -38.27 -5.51 -11.15
N MSE A 275 -37.98 -4.26 -10.82
CA MSE A 275 -38.57 -3.14 -11.55
C MSE A 275 -37.49 -2.21 -12.12
O MSE A 275 -36.73 -1.62 -11.37
CB MSE A 275 -39.49 -2.35 -10.64
CG MSE A 275 -40.13 -1.15 -11.32
SE MSE A 275 -41.20 -0.12 -10.08
CE MSE A 275 -42.47 -1.49 -9.54
N PRO A 276 -37.45 -2.09 -13.45
CA PRO A 276 -36.47 -1.18 -14.07
C PRO A 276 -36.78 0.26 -13.68
N HIS A 277 -35.79 0.95 -13.11
CA HIS A 277 -35.99 2.33 -12.73
C HIS A 277 -34.65 3.04 -12.66
N ASN A 278 -34.57 4.20 -13.32
CA ASN A 278 -33.41 5.08 -13.23
C ASN A 278 -33.66 6.05 -12.08
N PHE A 279 -32.80 6.04 -11.07
CA PHE A 279 -33.10 6.86 -9.90
C PHE A 279 -32.84 8.34 -10.14
N HIS A 280 -32.49 8.73 -11.36
CA HIS A 280 -32.49 10.13 -11.76
C HIS A 280 -33.84 10.59 -12.28
N THR A 281 -34.87 9.75 -12.21
CA THR A 281 -36.22 10.07 -12.62
C THR A 281 -37.16 9.90 -11.44
N PRO A 282 -38.36 10.50 -11.49
CA PRO A 282 -39.29 10.40 -10.35
C PRO A 282 -39.58 8.95 -9.96
N GLN A 283 -39.66 8.72 -8.65
CA GLN A 283 -39.93 7.39 -8.11
C GLN A 283 -41.34 6.95 -8.47
N PRO A 284 -41.52 5.82 -9.17
CA PRO A 284 -42.88 5.39 -9.54
C PRO A 284 -43.70 4.83 -8.39
N VAL A 285 -43.09 4.13 -7.44
CA VAL A 285 -43.84 3.46 -6.39
C VAL A 285 -44.26 4.48 -5.35
N GLN A 286 -45.58 4.61 -5.14
CA GLN A 286 -46.14 5.63 -4.27
C GLN A 286 -46.44 5.08 -2.88
N GLY A 287 -46.12 5.88 -1.87
CA GLY A 287 -46.51 5.58 -0.49
C GLY A 287 -45.87 4.34 0.11
N ALA A 288 -44.69 3.95 -0.33
CA ALA A 288 -44.00 2.83 0.28
C ALA A 288 -43.57 3.18 1.70
N LYS A 289 -43.43 2.15 2.53
CA LYS A 289 -42.97 2.39 3.90
C LYS A 289 -41.49 2.78 3.92
N PHE A 290 -40.63 2.00 3.26
CA PHE A 290 -39.19 2.26 3.25
C PHE A 290 -38.69 2.40 1.81
N TYR A 291 -38.07 3.55 1.52
CA TYR A 291 -37.31 3.75 0.29
C TYR A 291 -35.83 3.68 0.67
N PHE A 292 -35.14 2.64 0.22
CA PHE A 292 -33.83 2.24 0.72
C PHE A 292 -32.74 2.60 -0.28
N LEU A 293 -31.74 3.34 0.18
CA LEU A 293 -30.59 3.74 -0.63
C LEU A 293 -29.31 3.31 0.08
N ARG A 294 -28.70 2.20 -0.33
CA ARG A 294 -27.51 1.68 0.31
C ARG A 294 -26.29 1.89 -0.59
N LEU A 295 -25.32 2.64 -0.08
CA LEU A 295 -24.07 2.92 -0.80
C LEU A 295 -24.34 3.54 -2.17
N ILE A 296 -25.36 4.39 -2.24
CA ILE A 296 -25.72 5.07 -3.48
C ILE A 296 -25.23 6.51 -3.42
N LEU A 297 -25.69 7.26 -2.41
CA LEU A 297 -25.48 8.71 -2.38
C LEU A 297 -24.02 9.08 -2.18
N ARG A 298 -23.22 8.19 -1.56
CA ARG A 298 -21.80 8.43 -1.39
C ARG A 298 -21.07 8.64 -2.72
N ASP A 299 -21.61 8.13 -3.82
CA ASP A 299 -20.94 8.19 -5.11
C ASP A 299 -21.27 9.46 -5.89
N PHE A 300 -22.03 10.38 -5.28
CA PHE A 300 -22.45 11.58 -5.99
C PHE A 300 -22.13 12.82 -5.17
N PRO A 301 -21.71 13.89 -5.83
CA PRO A 301 -21.60 15.19 -5.15
C PRO A 301 -22.97 15.64 -4.65
N ASP A 302 -22.95 16.70 -3.83
CA ASP A 302 -24.17 17.17 -3.18
C ASP A 302 -25.28 17.46 -4.17
N HIS A 303 -24.94 18.08 -5.32
CA HIS A 303 -25.96 18.45 -6.30
C HIS A 303 -26.73 17.23 -6.79
N GLN A 304 -26.00 16.21 -7.23
CA GLN A 304 -26.64 15.02 -7.81
C GLN A 304 -27.32 14.18 -6.73
N ALA A 305 -26.71 14.05 -5.55
CA ALA A 305 -27.35 13.32 -4.46
C ALA A 305 -28.66 13.97 -4.05
N LEU A 306 -28.67 15.31 -3.99
CA LEU A 306 -29.90 16.04 -3.71
C LEU A 306 -30.95 15.76 -4.77
N GLU A 307 -30.55 15.74 -6.04
CA GLU A 307 -31.52 15.43 -7.10
C GLU A 307 -32.09 14.03 -6.94
N ILE A 308 -31.25 13.07 -6.54
CA ILE A 308 -31.73 11.70 -6.32
C ILE A 308 -32.77 11.67 -5.22
N LEU A 309 -32.51 12.37 -4.10
CA LEU A 309 -33.49 12.42 -3.02
C LEU A 309 -34.77 13.14 -3.44
N GLN A 310 -34.64 14.21 -4.22
CA GLN A 310 -35.81 14.98 -4.64
C GLN A 310 -36.68 14.20 -5.60
N ASN A 311 -36.08 13.23 -6.31
CA ASN A 311 -36.89 12.33 -7.14
C ASN A 311 -37.75 11.39 -6.30
N ILE A 312 -37.39 11.13 -5.05
CA ILE A 312 -38.15 10.22 -4.19
C ILE A 312 -39.20 10.96 -3.38
N VAL A 313 -38.87 12.15 -2.89
CA VAL A 313 -39.70 12.83 -1.89
C VAL A 313 -41.17 12.95 -2.32
N PRO A 314 -41.51 13.33 -3.55
CA PRO A 314 -42.94 13.47 -3.91
C PRO A 314 -43.73 12.17 -3.84
N ALA A 315 -43.08 11.01 -3.84
CA ALA A 315 -43.77 9.74 -3.76
C ALA A 315 -44.15 9.36 -2.33
N MSE A 316 -43.61 10.06 -1.33
CA MSE A 316 -43.82 9.70 0.07
C MSE A 316 -45.14 10.20 0.62
O MSE A 316 -45.61 11.28 0.27
CB MSE A 316 -42.68 10.27 0.92
CG MSE A 316 -41.30 9.82 0.51
SE MSE A 316 -39.96 10.84 1.46
CE MSE A 316 -40.12 10.04 3.23
N ASP A 317 -45.73 9.42 1.52
CA ASP A 317 -46.81 9.90 2.36
C ASP A 317 -46.25 10.09 3.78
N ALA A 318 -47.14 10.43 4.71
CA ALA A 318 -46.69 10.75 6.07
C ALA A 318 -45.96 9.59 6.73
N GLU A 319 -46.31 8.36 6.39
CA GLU A 319 -45.69 7.17 6.98
C GLU A 319 -44.45 6.71 6.23
N SER A 320 -44.20 7.22 5.03
CA SER A 320 -43.02 6.82 4.27
C SER A 320 -41.74 7.31 4.94
N ARG A 321 -40.68 6.53 4.78
CA ARG A 321 -39.35 6.90 5.25
C ARG A 321 -38.34 6.64 4.14
N ILE A 322 -37.35 7.52 4.03
CA ILE A 322 -36.17 7.26 3.21
C ILE A 322 -35.08 6.76 4.14
N VAL A 323 -34.55 5.57 3.86
CA VAL A 323 -33.51 4.95 4.66
C VAL A 323 -32.22 5.04 3.87
N ILE A 324 -31.31 5.89 4.33
CA ILE A 324 -29.98 6.00 3.71
C ILE A 324 -29.06 5.08 4.49
N ASP A 325 -28.61 4.00 3.86
CA ASP A 325 -27.67 3.06 4.47
C ASP A 325 -26.30 3.37 3.88
N ASP A 326 -25.42 3.95 4.68
CA ASP A 326 -24.18 4.46 4.12
C ASP A 326 -23.18 4.71 5.23
N GLY A 327 -21.99 5.16 4.83
CA GLY A 327 -20.97 5.50 5.79
C GLY A 327 -21.29 6.81 6.49
N VAL A 328 -21.08 6.82 7.80
CA VAL A 328 -21.31 8.01 8.63
C VAL A 328 -20.07 8.22 9.49
N PRO A 329 -18.95 8.66 8.92
CA PRO A 329 -17.72 8.80 9.71
C PRO A 329 -17.90 9.83 10.80
N PRO A 330 -17.12 9.73 11.88
CA PRO A 330 -17.27 10.67 12.99
C PRO A 330 -16.67 12.03 12.67
N GLU A 331 -17.02 13.01 13.51
CA GLU A 331 -16.47 14.35 13.39
C GLU A 331 -14.96 14.36 13.54
N LYS A 332 -14.42 13.49 14.39
CA LYS A 332 -12.99 13.39 14.60
C LYS A 332 -12.62 11.93 14.85
N GLY A 333 -11.33 11.64 14.69
CA GLY A 333 -10.84 10.28 14.90
C GLY A 333 -11.35 9.27 13.89
N ALA A 334 -11.67 9.72 12.67
CA ALA A 334 -12.12 8.79 11.64
C ALA A 334 -11.01 7.81 11.28
N ARG A 335 -11.41 6.58 10.93
CA ARG A 335 -10.48 5.50 10.66
C ARG A 335 -10.03 5.51 9.20
N TRP A 336 -8.93 4.81 8.92
CA TRP A 336 -8.36 4.80 7.57
C TRP A 336 -9.34 4.25 6.54
N ALA A 337 -10.22 3.32 6.94
CA ALA A 337 -11.15 2.74 5.98
C ALA A 337 -12.26 3.70 5.58
N GLU A 338 -12.52 4.76 6.35
CA GLU A 338 -13.49 5.77 5.94
C GLU A 338 -12.83 6.96 5.23
N THR A 339 -11.60 7.28 5.62
CA THR A 339 -10.94 8.45 5.02
C THR A 339 -10.30 8.09 3.69
N GLY A 340 -9.73 6.88 3.58
CA GLY A 340 -9.22 6.44 2.29
C GLY A 340 -10.31 6.36 1.25
N THR A 341 -11.49 5.88 1.64
CA THR A 341 -12.64 5.90 0.75
C THR A 341 -12.96 7.33 0.33
N ASP A 342 -12.95 8.26 1.29
CA ASP A 342 -13.20 9.66 0.96
C ASP A 342 -12.24 10.16 -0.13
N ILE A 343 -10.95 9.88 0.03
CA ILE A 343 -9.98 10.33 -0.96
C ILE A 343 -10.23 9.67 -2.31
N CYS A 344 -10.52 8.37 -2.31
CA CYS A 344 -10.73 7.66 -3.57
C CYS A 344 -11.94 8.19 -4.33
N ILE A 345 -13.06 8.38 -3.62
CA ILE A 345 -14.27 8.81 -4.31
C ILE A 345 -14.16 10.28 -4.68
N MSE A 346 -13.38 11.07 -3.95
CA MSE A 346 -13.11 12.43 -4.40
C MSE A 346 -12.38 12.40 -5.73
O MSE A 346 -12.74 13.13 -6.67
CB MSE A 346 -12.29 13.19 -3.37
CG MSE A 346 -11.95 14.60 -3.80
SE MSE A 346 -10.62 15.38 -2.63
CE MSE A 346 -9.06 14.39 -3.25
N SER A 347 -11.36 11.54 -5.80
CA SER A 347 -10.51 11.52 -6.98
C SER A 347 -11.22 10.96 -8.21
N ALA A 348 -12.07 9.95 -8.01
CA ALA A 348 -12.71 9.29 -9.15
C ALA A 348 -14.08 9.87 -9.50
N LEU A 349 -14.88 10.22 -8.49
CA LEU A 349 -16.27 10.60 -8.68
C LEU A 349 -16.59 12.04 -8.32
N GLY A 350 -15.66 12.77 -7.71
CA GLY A 350 -15.97 14.10 -7.23
C GLY A 350 -16.86 14.15 -6.00
N SER A 351 -17.13 13.02 -5.37
CA SER A 351 -18.05 12.94 -4.25
C SER A 351 -17.25 12.96 -2.93
N LYS A 352 -17.88 12.51 -1.84
CA LYS A 352 -17.26 12.62 -0.52
C LYS A 352 -18.00 11.72 0.46
N GLU A 353 -17.30 11.34 1.53
CA GLU A 353 -17.96 10.80 2.72
C GLU A 353 -18.61 11.94 3.49
N ARG A 354 -19.69 11.61 4.21
CA ARG A 354 -20.46 12.62 4.92
C ARG A 354 -20.63 12.23 6.37
N THR A 355 -20.29 13.15 7.28
CA THR A 355 -20.65 12.98 8.68
C THR A 355 -22.17 13.02 8.83
N GLN A 356 -22.64 12.71 10.05
CA GLN A 356 -24.07 12.75 10.30
C GLN A 356 -24.64 14.14 10.07
N ARG A 357 -23.92 15.18 10.51
CA ARG A 357 -24.39 16.55 10.29
C ARG A 357 -24.46 16.87 8.80
N GLN A 358 -23.50 16.39 8.02
CA GLN A 358 -23.53 16.67 6.58
C GLN A 358 -24.68 15.92 5.91
N TRP A 359 -24.93 14.68 6.32
CA TRP A 359 -26.12 13.96 5.84
C TRP A 359 -27.39 14.71 6.16
N GLU A 360 -27.50 15.24 7.38
CA GLU A 360 -28.72 15.93 7.79
C GLU A 360 -28.89 17.23 7.01
N GLU A 361 -27.80 17.94 6.72
CA GLU A 361 -27.89 19.16 5.91
C GLU A 361 -28.36 18.82 4.49
N LEU A 362 -27.74 17.79 3.89
CA LEU A 362 -28.15 17.37 2.55
C LEU A 362 -29.63 16.99 2.52
N ALA A 363 -30.06 16.18 3.49
CA ALA A 363 -31.45 15.72 3.50
C ALA A 363 -32.42 16.86 3.77
N ALA A 364 -32.02 17.82 4.62
CA ALA A 364 -32.87 18.98 4.87
C ALA A 364 -33.07 19.79 3.60
N LYS A 365 -32.07 19.83 2.72
CA LYS A 365 -32.27 20.49 1.44
C LYS A 365 -33.37 19.83 0.61
N ALA A 366 -33.63 18.54 0.85
CA ALA A 366 -34.70 17.82 0.17
C ALA A 366 -36.00 17.81 0.93
N GLY A 367 -36.08 18.53 2.06
CA GLY A 367 -37.28 18.54 2.86
C GLY A 367 -37.42 17.39 3.82
N LEU A 368 -36.30 16.77 4.21
CA LEU A 368 -36.31 15.59 5.07
C LEU A 368 -35.70 15.90 6.43
N GLN A 369 -36.17 15.19 7.45
CA GLN A 369 -35.62 15.28 8.79
C GLN A 369 -35.27 13.90 9.30
N LEU A 370 -34.16 13.82 10.05
CA LEU A 370 -33.68 12.56 10.59
C LEU A 370 -34.51 12.17 11.81
N GLN A 371 -35.09 10.98 11.78
CA GLN A 371 -35.86 10.41 12.89
C GLN A 371 -35.05 9.47 13.75
N ALA A 372 -34.19 8.66 13.14
CA ALA A 372 -33.41 7.66 13.87
C ALA A 372 -32.20 7.27 13.05
N LEU A 373 -31.17 6.79 13.76
CA LEU A 373 -29.93 6.34 13.14
C LEU A 373 -29.52 5.04 13.82
N TYR A 374 -29.38 3.98 13.04
CA TYR A 374 -29.11 2.64 13.56
C TYR A 374 -27.78 2.13 13.00
N GLN A 375 -26.71 2.34 13.76
CA GLN A 375 -25.40 1.84 13.37
C GLN A 375 -25.39 0.31 13.40
N TYR A 376 -24.64 -0.29 12.48
CA TYR A 376 -24.50 -1.74 12.48
C TYR A 376 -23.09 -2.23 12.21
N THR A 377 -22.12 -1.35 12.00
CA THR A 377 -20.71 -1.73 11.96
C THR A 377 -19.91 -0.83 12.90
N TRP A 378 -18.82 -1.38 13.43
CA TRP A 378 -17.89 -0.71 14.32
C TRP A 378 -16.51 -1.27 14.05
N PRO A 379 -15.44 -0.46 14.17
CA PRO A 379 -15.43 0.96 14.50
C PRO A 379 -15.72 1.88 13.31
N VAL A 380 -15.49 1.39 12.08
CA VAL A 380 -15.91 2.11 10.89
C VAL A 380 -17.44 2.14 10.86
N VAL A 381 -18.02 3.33 10.75
CA VAL A 381 -19.45 3.53 10.98
C VAL A 381 -20.20 3.37 9.66
N ASN A 382 -21.01 2.32 9.57
CA ASN A 382 -22.09 2.23 8.59
C ASN A 382 -23.41 2.24 9.34
N ALA A 383 -24.37 3.00 8.83
CA ALA A 383 -25.62 3.12 9.56
C ALA A 383 -26.78 3.27 8.59
N ALA A 384 -27.94 2.80 9.04
CA ALA A 384 -29.22 3.06 8.39
C ALA A 384 -29.83 4.30 9.04
N MSE A 385 -29.86 5.40 8.30
CA MSE A 385 -30.45 6.64 8.77
C MSE A 385 -31.86 6.75 8.22
O MSE A 385 -32.06 6.68 7.00
CB MSE A 385 -29.62 7.83 8.32
CG MSE A 385 -28.23 7.86 8.93
SE MSE A 385 -27.11 9.10 7.96
CE MSE A 385 -26.71 8.02 6.39
N VAL A 386 -32.83 6.92 9.11
CA VAL A 386 -34.24 6.94 8.75
C VAL A 386 -34.69 8.40 8.70
N PHE A 387 -35.17 8.83 7.54
CA PHE A 387 -35.61 10.21 7.32
C PHE A 387 -37.09 10.22 7.00
N SER A 388 -37.78 11.24 7.49
CA SER A 388 -39.20 11.46 7.21
C SER A 388 -39.37 12.85 6.59
N LEU A 389 -40.57 13.10 6.10
CA LEU A 389 -40.92 14.43 5.62
C LEU A 389 -40.85 15.44 6.76
N GLN A 390 -40.41 16.65 6.45
CA GLN A 390 -40.33 17.72 7.43
C GLN A 390 -41.73 18.10 7.93
N GLY B 1 -14.77 -5.45 31.20
CA GLY B 1 -13.99 -4.47 30.46
C GLY B 1 -14.70 -3.93 29.23
N SER B 2 -13.91 -3.62 28.20
CA SER B 2 -14.46 -3.06 26.97
C SER B 2 -13.41 -3.18 25.87
N HIS B 3 -13.86 -3.04 24.62
CA HIS B 3 -12.93 -3.10 23.50
C HIS B 3 -11.89 -1.99 23.58
N MSE B 4 -12.29 -0.79 24.01
CA MSE B 4 -11.37 0.33 24.09
C MSE B 4 -10.31 0.12 25.18
O MSE B 4 -9.12 0.39 24.97
CB MSE B 4 -12.15 1.63 24.35
CG MSE B 4 -11.31 2.80 24.77
SE MSE B 4 -12.41 4.39 25.01
CE MSE B 4 -13.60 3.70 26.40
N GLU B 5 -10.74 -0.41 26.33
CA GLU B 5 -9.80 -0.71 27.40
C GLU B 5 -8.83 -1.82 26.99
N THR B 6 -9.34 -2.86 26.32
CA THR B 6 -8.47 -3.93 25.83
C THR B 6 -7.46 -3.40 24.82
N VAL B 7 -7.90 -2.57 23.89
CA VAL B 7 -7.00 -2.01 22.88
C VAL B 7 -5.92 -1.17 23.54
N ALA B 8 -6.31 -0.32 24.50
CA ALA B 8 -5.32 0.49 25.20
C ALA B 8 -4.32 -0.38 25.96
N ALA B 9 -4.79 -1.49 26.54
CA ALA B 9 -3.89 -2.37 27.29
C ALA B 9 -2.91 -3.08 26.35
N ILE B 10 -3.38 -3.52 25.19
CA ILE B 10 -2.50 -4.10 24.19
C ILE B 10 -1.41 -3.11 23.82
N LYS B 11 -1.81 -1.86 23.57
CA LYS B 11 -0.83 -0.82 23.20
C LYS B 11 0.18 -0.60 24.32
N THR B 12 -0.29 -0.48 25.55
CA THR B 12 0.62 -0.28 26.68
C THR B 12 1.65 -1.39 26.78
N LEU B 13 1.20 -2.65 26.68
CA LEU B 13 2.11 -3.77 26.85
C LEU B 13 3.09 -3.88 25.69
N ILE B 14 2.60 -3.73 24.46
CA ILE B 14 3.49 -3.78 23.30
C ILE B 14 4.52 -2.66 23.37
N GLN B 15 4.11 -1.47 23.81
CA GLN B 15 5.04 -0.37 23.95
C GLN B 15 6.12 -0.68 24.98
N GLN B 16 5.74 -1.28 26.11
CA GLN B 16 6.75 -1.62 27.12
C GLN B 16 7.74 -2.64 26.57
N LEU B 17 7.24 -3.67 25.87
CA LEU B 17 8.12 -4.67 25.29
C LEU B 17 9.03 -4.07 24.23
N ALA B 18 8.49 -3.19 23.40
CA ALA B 18 9.29 -2.56 22.34
C ALA B 18 10.46 -1.66 22.81
N GLN B 19 10.22 -0.81 23.80
CA GLN B 19 11.26 0.09 24.30
C GLN B 19 12.40 -0.71 24.94
N SER B 20 12.01 -1.72 25.70
CA SER B 20 12.84 -2.61 26.36
C SER B 20 13.89 -3.29 25.51
N THR B 21 13.59 -3.54 24.26
CA THR B 21 14.52 -4.24 23.42
C THR B 21 15.33 -3.28 22.56
N ASP B 22 16.10 -3.82 21.66
CA ASP B 22 16.90 -3.03 20.74
C ASP B 22 16.19 -2.89 19.40
N GLN B 23 16.87 -2.28 18.43
CA GLN B 23 16.23 -1.99 17.15
C GLN B 23 15.87 -3.26 16.39
N PHE B 24 16.68 -4.31 16.52
CA PHE B 24 16.36 -5.57 15.84
C PHE B 24 15.16 -6.25 16.48
N GLY B 25 15.08 -6.23 17.80
CA GLY B 25 13.89 -6.73 18.48
C GLY B 25 12.65 -5.95 18.12
N ARG B 26 12.76 -4.63 17.98
CA ARG B 26 11.61 -3.83 17.58
C ARG B 26 11.20 -4.15 16.15
N ALA B 27 12.16 -4.39 15.27
CA ALA B 27 11.82 -4.80 13.90
C ALA B 27 11.08 -6.15 13.91
N GLU B 28 11.54 -7.09 14.73
CA GLU B 28 10.84 -8.37 14.83
C GLU B 28 9.42 -8.20 15.38
N ILE B 29 9.26 -7.33 16.37
CA ILE B 29 7.92 -7.06 16.90
C ILE B 29 7.03 -6.46 15.82
N ASN B 30 7.56 -5.52 15.04
CA ASN B 30 6.76 -4.90 13.99
C ASN B 30 6.35 -5.91 12.93
N ASP B 31 7.26 -6.78 12.51
CA ASP B 31 6.91 -7.83 11.56
C ASP B 31 5.83 -8.75 12.14
N ALA B 32 5.91 -9.05 13.44
CA ALA B 32 4.89 -9.87 14.07
C ALA B 32 3.53 -9.16 14.09
N LEU B 33 3.54 -7.85 14.35
CA LEU B 33 2.28 -7.09 14.33
C LEU B 33 1.65 -7.12 12.95
N ARG B 34 2.48 -6.99 11.91
CA ARG B 34 1.97 -7.06 10.54
C ARG B 34 1.36 -8.44 10.24
N GLU B 35 2.08 -9.50 10.61
CA GLU B 35 1.57 -10.85 10.36
C GLU B 35 0.27 -11.09 11.11
N LEU B 36 0.17 -10.61 12.35
CA LEU B 36 -1.06 -10.77 13.12
C LEU B 36 -2.21 -10.03 12.44
N GLN B 37 -1.95 -8.81 11.98
CA GLN B 37 -2.98 -8.04 11.29
C GLN B 37 -3.49 -8.79 10.07
N TYR B 38 -2.57 -9.33 9.26
CA TYR B 38 -2.98 -10.08 8.08
C TYR B 38 -3.78 -11.33 8.45
N SER B 39 -3.37 -12.00 9.52
CA SER B 39 -4.05 -13.24 9.90
C SER B 39 -5.43 -12.98 10.49
N LEU B 40 -5.64 -11.84 11.14
CA LEU B 40 -6.89 -11.56 11.84
C LEU B 40 -7.89 -10.78 11.02
N GLU B 41 -7.49 -10.21 9.88
CA GLU B 41 -8.42 -9.41 9.08
C GLU B 41 -9.45 -10.31 8.39
N THR B 42 -10.62 -9.74 8.12
CA THR B 42 -11.65 -10.43 7.37
C THR B 42 -11.34 -10.36 5.88
N PRO B 43 -11.96 -11.21 5.06
CA PRO B 43 -11.76 -11.11 3.60
C PRO B 43 -12.03 -9.70 3.06
N PHE B 44 -13.16 -9.12 3.46
CA PHE B 44 -13.45 -7.74 3.10
C PHE B 44 -12.34 -6.80 3.57
N ASP B 45 -11.85 -7.00 4.80
CA ASP B 45 -10.73 -6.20 5.30
C ASP B 45 -9.51 -6.32 4.39
N THR B 46 -9.22 -7.54 3.93
CA THR B 46 -8.08 -7.74 3.03
C THR B 46 -8.24 -6.90 1.77
N VAL B 47 -9.41 -6.99 1.12
CA VAL B 47 -9.60 -6.25 -0.12
C VAL B 47 -9.57 -4.74 0.13
N MSE B 48 -10.17 -4.30 1.24
CA MSE B 48 -10.18 -2.88 1.58
C MSE B 48 -8.77 -2.35 1.82
O MSE B 48 -8.41 -1.26 1.35
CB MSE B 48 -11.06 -2.67 2.83
CG MSE B 48 -11.40 -1.22 3.15
SE MSE B 48 -12.42 -0.30 1.77
CE MSE B 48 -13.50 -1.76 1.08
N ARG B 49 -7.96 -3.13 2.54
CA ARG B 49 -6.58 -2.76 2.80
C ARG B 49 -5.80 -2.62 1.50
N MSE B 50 -5.91 -3.62 0.62
CA MSE B 50 -5.23 -3.56 -0.66
C MSE B 50 -5.71 -2.38 -1.49
O MSE B 50 -4.92 -1.75 -2.20
CB MSE B 50 -5.39 -4.86 -1.43
CG MSE B 50 -4.49 -5.96 -0.92
SE MSE B 50 -4.83 -7.66 -1.77
CE MSE B 50 -3.72 -8.77 -0.62
N SER B 51 -6.99 -2.06 -1.39
CA SER B 51 -7.55 -0.96 -2.17
C SER B 51 -7.05 0.39 -1.67
N LEU B 52 -6.93 0.56 -0.34
CA LEU B 52 -6.75 1.89 0.23
C LEU B 52 -5.35 2.21 0.71
N ASP B 53 -4.51 1.22 1.02
CA ASP B 53 -3.18 1.54 1.53
C ASP B 53 -2.32 2.24 0.49
N THR B 54 -2.64 2.09 -0.80
CA THR B 54 -1.96 2.80 -1.87
C THR B 54 -2.20 4.31 -1.80
N CYS B 55 -3.29 4.74 -1.16
CA CYS B 55 -3.55 6.16 -1.00
C CYS B 55 -2.44 6.87 -0.23
N GLN B 56 -1.72 6.12 0.62
CA GLN B 56 -0.72 6.73 1.48
C GLN B 56 0.38 7.39 0.66
N VAL B 57 0.87 6.72 -0.39
CA VAL B 57 1.96 7.29 -1.18
C VAL B 57 1.48 8.54 -1.93
N ALA B 58 0.28 8.48 -2.51
CA ALA B 58 -0.24 9.64 -3.25
C ALA B 58 -0.44 10.83 -2.32
N VAL B 59 -0.98 10.58 -1.12
CA VAL B 59 -1.23 11.69 -0.21
C VAL B 59 0.07 12.22 0.38
N ALA B 60 1.05 11.35 0.60
CA ALA B 60 2.36 11.83 1.03
C ALA B 60 2.99 12.69 -0.06
N ARG B 61 2.82 12.30 -1.33
CA ARG B 61 3.32 13.12 -2.43
C ARG B 61 2.66 14.49 -2.44
N ILE B 62 1.35 14.53 -2.21
CA ILE B 62 0.64 15.81 -2.16
C ILE B 62 1.16 16.67 -1.01
N GLY B 63 1.31 16.07 0.18
CA GLY B 63 1.83 16.82 1.31
C GLY B 63 3.24 17.33 1.08
N SER B 64 4.07 16.54 0.40
CA SER B 64 5.40 16.99 0.03
C SER B 64 5.34 18.15 -0.95
N ASP B 65 4.48 18.05 -1.97
CA ASP B 65 4.31 19.15 -2.92
C ASP B 65 3.90 20.43 -2.19
N LEU B 66 3.03 20.31 -1.20
CA LEU B 66 2.55 21.47 -0.45
C LEU B 66 3.57 21.96 0.58
N GLY B 67 4.60 21.19 0.88
CA GLY B 67 5.48 21.54 1.98
C GLY B 67 4.86 21.36 3.34
N LEU B 68 3.81 20.55 3.44
CA LEU B 68 3.04 20.45 4.67
C LEU B 68 3.84 19.83 5.81
N PHE B 69 4.63 18.79 5.52
CA PHE B 69 5.30 18.05 6.59
C PHE B 69 6.41 18.86 7.24
N LYS B 70 7.21 19.56 6.43
CA LYS B 70 8.26 20.41 7.01
C LYS B 70 7.65 21.55 7.82
N HIS B 71 6.60 22.16 7.28
CA HIS B 71 5.92 23.26 7.99
C HIS B 71 5.36 22.79 9.32
N LEU B 72 4.61 21.68 9.31
CA LEU B 72 4.04 21.15 10.54
C LEU B 72 5.14 20.73 11.52
N SER B 73 6.26 20.22 11.01
CA SER B 73 7.37 19.83 11.87
C SER B 73 7.97 21.03 12.60
N GLN B 74 7.95 22.21 11.98
CA GLN B 74 8.49 23.38 12.67
C GLN B 74 7.45 24.16 13.48
N CYS B 75 6.19 23.72 13.51
CA CYS B 75 5.15 24.46 14.21
C CYS B 75 5.20 24.21 15.72
N ALA B 76 5.09 25.29 16.49
CA ALA B 76 5.17 25.19 17.94
C ALA B 76 3.85 24.76 18.59
N SER B 77 2.73 25.07 17.95
CA SER B 77 1.40 24.80 18.49
C SER B 77 0.56 24.05 17.47
N PRO B 78 -0.51 23.39 17.91
CA PRO B 78 -1.42 22.74 16.95
C PRO B 78 -2.01 23.74 15.97
N GLN B 79 -2.20 23.28 14.74
CA GLN B 79 -2.70 24.11 13.65
C GLN B 79 -4.06 23.61 13.18
N SER B 80 -4.98 24.54 12.92
CA SER B 80 -6.25 24.16 12.33
C SER B 80 -6.09 23.87 10.83
N ALA B 81 -7.05 23.14 10.28
CA ALA B 81 -7.09 22.91 8.84
C ALA B 81 -7.13 24.23 8.07
N GLU B 82 -7.86 25.22 8.58
CA GLU B 82 -7.82 26.55 8.00
C GLU B 82 -6.42 27.15 7.94
N GLU B 83 -5.72 27.14 9.07
CA GLU B 83 -4.42 27.78 9.11
C GLU B 83 -3.46 27.12 8.12
N LEU B 84 -3.45 25.78 8.09
CA LEU B 84 -2.59 25.06 7.17
C LEU B 84 -2.97 25.34 5.72
N ALA B 85 -4.27 25.33 5.41
CA ALA B 85 -4.73 25.58 4.05
C ALA B 85 -4.33 26.96 3.57
N ASP B 86 -4.60 27.99 4.38
CA ASP B 86 -4.26 29.36 4.00
C ASP B 86 -2.76 29.55 3.90
N HIS B 87 -1.99 28.95 4.82
CA HIS B 87 -0.55 29.15 4.79
C HIS B 87 0.09 28.46 3.59
N LEU B 88 -0.40 27.27 3.24
CA LEU B 88 0.24 26.47 2.20
C LEU B 88 -0.39 26.68 0.81
N GLY B 89 -1.44 27.47 0.70
CA GLY B 89 -2.07 27.70 -0.59
C GLY B 89 -2.87 26.51 -1.09
N CYS B 90 -3.71 25.95 -0.22
CA CYS B 90 -4.54 24.80 -0.55
C CYS B 90 -5.99 25.14 -0.25
N GLY B 91 -6.89 24.53 -1.02
CA GLY B 91 -8.31 24.69 -0.72
C GLY B 91 -8.63 24.18 0.67
N ARG B 92 -9.51 24.90 1.38
CA ARG B 92 -9.76 24.59 2.78
C ARG B 92 -10.42 23.23 2.96
N GLU B 93 -11.42 22.91 2.13
CA GLU B 93 -12.04 21.60 2.22
C GLU B 93 -11.06 20.49 1.81
N LEU B 94 -10.34 20.70 0.71
CA LEU B 94 -9.33 19.73 0.30
C LEU B 94 -8.32 19.49 1.41
N MSE B 95 -7.83 20.57 2.02
CA MSE B 95 -6.86 20.47 3.09
C MSE B 95 -7.42 19.70 4.27
O MSE B 95 -6.75 18.86 4.86
CB MSE B 95 -6.40 21.87 3.54
CG MSE B 95 -5.47 21.85 4.74
SE MSE B 95 -3.78 20.95 4.34
CE MSE B 95 -2.87 22.38 3.45
N SER B 96 -8.68 20.00 4.62
CA SER B 96 -9.31 19.33 5.75
C SER B 96 -9.43 17.82 5.50
N ARG B 97 -9.85 17.44 4.29
CA ARG B 97 -9.99 16.03 3.97
C ARG B 97 -8.64 15.31 3.94
N LEU B 98 -7.63 15.96 3.36
CA LEU B 98 -6.28 15.40 3.35
C LEU B 98 -5.77 15.19 4.77
N LEU B 99 -6.00 16.17 5.65
CA LEU B 99 -5.52 16.06 7.03
C LEU B 99 -6.26 14.97 7.79
N ARG B 100 -7.58 14.84 7.59
CA ARG B 100 -8.31 13.74 8.21
C ARG B 100 -7.74 12.40 7.78
N TYR B 101 -7.48 12.25 6.48
CA TYR B 101 -6.89 11.00 6.00
C TYR B 101 -5.52 10.77 6.61
N MSE B 102 -4.68 11.79 6.60
CA MSE B 102 -3.31 11.66 7.10
C MSE B 102 -3.29 11.27 8.57
O MSE B 102 -2.51 10.43 8.99
CB MSE B 102 -2.54 12.95 6.89
CG MSE B 102 -2.17 13.21 5.44
SE MSE B 102 -1.35 14.94 5.34
CE MSE B 102 -1.05 15.09 3.42
N ALA B 103 -4.16 11.92 9.36
CA ALA B 103 -4.28 11.57 10.77
C ALA B 103 -4.72 10.11 10.93
N SER B 104 -5.59 9.63 10.04
CA SER B 104 -6.05 8.25 10.16
C SER B 104 -4.93 7.24 9.94
N VAL B 105 -3.85 7.61 9.25
CA VAL B 105 -2.72 6.72 9.02
C VAL B 105 -1.46 7.24 9.72
N ARG B 106 -1.63 8.12 10.71
CA ARG B 106 -0.55 8.64 11.55
C ARG B 106 0.47 9.46 10.77
N MSE B 107 0.10 9.98 9.60
CA MSE B 107 1.00 10.83 8.83
C MSE B 107 1.11 12.20 9.49
O MSE B 107 2.12 12.90 9.36
CB MSE B 107 0.52 10.97 7.40
CG MSE B 107 1.62 10.95 6.37
SE MSE B 107 0.91 10.69 4.58
CE MSE B 107 0.47 8.79 4.70
N VAL B 108 0.05 12.57 10.19
CA VAL B 108 0.01 13.66 11.15
C VAL B 108 -0.76 13.15 12.36
N GLN B 109 -0.85 13.97 13.41
CA GLN B 109 -1.68 13.63 14.54
C GLN B 109 -2.79 14.66 14.66
N GLN B 110 -4.00 14.18 14.92
CA GLN B 110 -5.16 15.01 15.14
C GLN B 110 -5.41 15.14 16.63
N THR B 111 -5.63 16.37 17.09
CA THR B 111 -5.88 16.64 18.50
C THR B 111 -7.36 16.48 18.82
N ASP B 112 -7.67 16.58 20.12
CA ASP B 112 -9.05 16.42 20.56
C ASP B 112 -9.95 17.54 20.09
N ASP B 113 -9.40 18.72 19.79
CA ASP B 113 -10.19 19.82 19.23
C ASP B 113 -10.03 19.94 17.72
N ILE B 114 -9.70 18.83 17.05
CA ILE B 114 -9.59 18.76 15.60
C ILE B 114 -8.61 19.80 15.08
N LYS B 115 -7.43 19.86 15.70
CA LYS B 115 -6.29 20.56 15.16
C LYS B 115 -5.19 19.54 14.90
N TYR B 116 -4.07 19.98 14.35
CA TYR B 116 -3.11 19.03 13.82
C TYR B 116 -1.69 19.36 14.27
N ILE B 117 -0.96 18.31 14.63
CA ILE B 117 0.43 18.40 15.05
C ILE B 117 1.23 17.34 14.32
N SER B 118 2.55 17.49 14.36
CA SER B 118 3.41 16.52 13.70
C SER B 118 3.46 15.22 14.50
N SER B 119 3.51 14.10 13.77
CA SER B 119 3.78 12.79 14.32
C SER B 119 5.22 12.40 13.97
N ASN B 120 5.63 11.20 14.40
CA ASN B 120 6.93 10.69 13.97
C ASN B 120 7.01 10.62 12.45
N ILE B 121 5.91 10.24 11.80
CA ILE B 121 5.93 10.13 10.34
C ILE B 121 6.00 11.50 9.69
N THR B 122 5.35 12.51 10.30
CA THR B 122 5.50 13.88 9.80
C THR B 122 6.96 14.29 9.76
N GLN B 123 7.67 14.07 10.88
CA GLN B 123 9.08 14.42 10.95
C GLN B 123 9.89 13.66 9.94
N THR B 124 9.60 12.36 9.77
CA THR B 124 10.30 11.55 8.78
C THR B 124 10.15 12.13 7.38
N LEU B 125 8.91 12.43 7.00
CA LEU B 125 8.64 12.96 5.66
C LEU B 125 9.18 14.37 5.48
N ALA B 126 9.49 15.07 6.57
CA ALA B 126 10.17 16.36 6.45
C ALA B 126 11.66 16.23 6.16
N VAL B 127 12.27 15.08 6.42
CA VAL B 127 13.71 14.92 6.18
C VAL B 127 13.97 14.79 4.67
N PRO B 128 14.88 15.58 4.10
CA PRO B 128 15.02 15.58 2.64
C PRO B 128 15.30 14.22 2.01
N GLY B 129 16.22 13.43 2.57
CA GLY B 129 16.52 12.14 1.99
C GLY B 129 15.35 11.18 2.03
N LEU B 130 14.61 11.17 3.15
CA LEU B 130 13.47 10.26 3.27
C LEU B 130 12.28 10.74 2.42
N GLU B 131 12.04 12.05 2.40
CA GLU B 131 11.06 12.59 1.47
C GLU B 131 11.40 12.21 0.03
N ALA B 132 12.69 12.25 -0.33
CA ALA B 132 13.10 11.86 -1.67
C ALA B 132 12.85 10.39 -1.92
N GLY B 133 13.03 9.55 -0.89
CA GLY B 133 12.68 8.14 -1.04
C GLY B 133 11.20 7.92 -1.32
N MSE B 134 10.35 8.65 -0.62
CA MSE B 134 8.92 8.56 -0.85
C MSE B 134 8.55 9.03 -2.28
O MSE B 134 7.74 8.40 -2.99
CB MSE B 134 8.16 9.37 0.21
CG MSE B 134 6.66 9.39 0.05
SE MSE B 134 6.12 10.82 -1.13
CE MSE B 134 6.77 12.33 -0.09
N ARG B 135 9.17 10.15 -2.68
CA ARG B 135 8.91 10.68 -4.02
C ARG B 135 9.38 9.72 -5.10
N HIS B 136 10.50 9.03 -4.84
CA HIS B 136 10.99 7.99 -5.74
C HIS B 136 9.99 6.84 -5.85
N ALA B 137 9.43 6.43 -4.71
CA ALA B 137 8.40 5.39 -4.75
C ALA B 137 7.23 5.82 -5.62
N PHE B 138 6.82 7.08 -5.50
CA PHE B 138 5.67 7.54 -6.28
C PHE B 138 5.98 7.63 -7.76
N GLU B 139 7.08 8.31 -8.13
CA GLU B 139 7.28 8.64 -9.54
C GLU B 139 8.04 7.56 -10.31
N ASN B 140 8.80 6.70 -9.64
CA ASN B 140 9.59 5.67 -10.30
C ASN B 140 9.06 4.26 -10.08
N LEU B 141 8.83 3.87 -8.87
CA LEU B 141 8.33 2.54 -8.61
C LEU B 141 6.88 2.25 -9.03
N TRP B 142 5.99 3.18 -8.73
CA TRP B 142 4.58 2.97 -8.98
C TRP B 142 4.29 2.68 -10.44
N PRO B 143 4.87 3.42 -11.34
CA PRO B 143 4.61 3.16 -12.76
C PRO B 143 5.09 1.77 -13.21
N VAL B 144 6.24 1.34 -12.74
CA VAL B 144 6.75 0.05 -13.12
C VAL B 144 5.87 -1.04 -12.56
N LEU B 145 5.45 -0.88 -11.32
CA LEU B 145 4.58 -1.88 -10.72
C LEU B 145 3.22 -1.92 -11.41
N MSE B 146 2.74 -0.77 -11.86
CA MSE B 146 1.54 -0.67 -12.66
C MSE B 146 1.63 -1.45 -13.95
O MSE B 146 0.68 -2.11 -14.36
CB MSE B 146 1.21 0.77 -12.95
CG MSE B 146 0.58 1.45 -11.80
SE MSE B 146 -0.88 2.55 -12.42
CE MSE B 146 -1.01 3.73 -10.92
N ALA B 147 2.80 -1.34 -14.58
CA ALA B 147 3.00 -2.00 -15.86
C ALA B 147 3.28 -3.49 -15.74
N LEU B 148 3.76 -3.95 -14.58
CA LEU B 148 4.22 -5.34 -14.46
C LEU B 148 3.17 -6.39 -14.82
N PRO B 149 1.94 -6.35 -14.31
CA PRO B 149 1.01 -7.47 -14.60
C PRO B 149 0.68 -7.64 -16.08
N ASP B 150 0.36 -6.56 -16.79
CA ASP B 150 0.08 -6.69 -18.22
C ASP B 150 1.34 -7.03 -19.01
N PHE B 151 2.50 -6.54 -18.57
CA PHE B 151 3.75 -6.91 -19.23
C PHE B 151 3.98 -8.42 -19.14
N LEU B 152 3.79 -8.99 -17.95
CA LEU B 152 3.97 -10.42 -17.78
C LEU B 152 2.94 -11.21 -18.56
N ALA B 153 1.69 -10.71 -18.60
CA ALA B 153 0.65 -11.41 -19.36
C ALA B 153 0.95 -11.41 -20.85
N GLU B 154 1.33 -10.25 -21.39
CA GLU B 154 1.67 -10.13 -22.81
C GLU B 154 2.78 -11.10 -23.20
N ARG B 155 3.76 -11.27 -22.32
CA ARG B 155 4.96 -12.05 -22.63
C ARG B 155 4.89 -13.47 -22.11
N LYS B 156 3.71 -13.93 -21.70
CA LYS B 156 3.51 -15.30 -21.20
C LYS B 156 4.46 -15.60 -20.05
N TYR B 157 4.60 -14.63 -19.15
CA TYR B 157 5.25 -14.81 -17.85
C TYR B 157 6.68 -15.31 -18.00
N PRO B 158 7.58 -14.51 -18.56
CA PRO B 158 8.97 -14.93 -18.71
C PRO B 158 9.77 -14.67 -17.45
N ASP B 159 10.91 -15.36 -17.36
CA ASP B 159 11.91 -15.02 -16.36
C ASP B 159 12.68 -13.79 -16.84
N ILE B 160 12.57 -12.70 -16.08
CA ILE B 160 13.15 -11.42 -16.50
C ILE B 160 14.62 -11.41 -16.13
N VAL B 161 15.49 -11.21 -17.12
CA VAL B 161 16.93 -11.24 -16.92
C VAL B 161 17.67 -10.10 -17.61
N ASP B 162 16.96 -9.19 -18.29
CA ASP B 162 17.62 -8.11 -19.02
C ASP B 162 17.04 -6.76 -18.62
N ALA B 163 17.93 -5.81 -18.30
CA ALA B 163 17.51 -4.48 -17.91
C ALA B 163 16.82 -3.72 -19.02
N LYS B 164 17.05 -4.09 -20.27
CA LYS B 164 16.44 -3.41 -21.41
C LYS B 164 15.15 -4.07 -21.87
N ASP B 165 14.67 -5.11 -21.16
CA ASP B 165 13.46 -5.83 -21.54
C ASP B 165 12.71 -6.24 -20.27
N THR B 166 12.11 -5.27 -19.60
CA THR B 166 11.31 -5.53 -18.40
C THR B 166 10.15 -4.54 -18.37
N ALA B 167 9.47 -4.45 -17.23
CA ALA B 167 8.27 -3.61 -17.15
C ALA B 167 8.59 -2.14 -17.38
N PHE B 168 9.81 -1.71 -17.06
CA PHE B 168 10.18 -0.31 -17.16
C PHE B 168 9.93 0.25 -18.56
N GLN B 169 10.32 -0.52 -19.59
CA GLN B 169 10.20 -0.04 -20.96
C GLN B 169 8.74 0.23 -21.33
N LYS B 170 7.81 -0.61 -20.87
CA LYS B 170 6.40 -0.36 -21.13
C LYS B 170 5.89 0.80 -20.28
N ALA B 171 6.34 0.89 -19.02
CA ALA B 171 5.83 1.93 -18.13
C ALA B 171 6.21 3.31 -18.63
N PHE B 172 7.41 3.47 -19.18
CA PHE B 172 7.88 4.78 -19.59
C PHE B 172 8.05 4.92 -21.10
N ASN B 173 7.52 3.97 -21.88
CA ASN B 173 7.45 4.05 -23.34
C ASN B 173 8.81 4.40 -23.94
N THR B 174 9.80 3.57 -23.63
CA THR B 174 11.16 3.83 -24.08
C THR B 174 11.88 2.52 -24.35
N ASP B 175 12.93 2.61 -25.16
CA ASP B 175 13.86 1.50 -25.38
C ASP B 175 14.98 1.44 -24.36
N GLN B 176 15.27 2.55 -23.70
CA GLN B 176 16.42 2.64 -22.79
C GLN B 176 16.19 1.78 -21.55
N ASP B 177 17.30 1.35 -20.93
CA ASP B 177 17.20 0.80 -19.59
C ASP B 177 16.99 1.93 -18.59
N CYS B 178 16.66 1.54 -17.35
CA CYS B 178 16.23 2.52 -16.35
C CYS B 178 17.30 3.58 -16.08
N PHE B 179 18.55 3.17 -15.89
CA PHE B 179 19.57 4.14 -15.50
C PHE B 179 19.86 5.12 -16.62
N HIS B 180 19.91 4.63 -17.86
CA HIS B 180 20.14 5.52 -19.00
C HIS B 180 18.99 6.49 -19.17
N TRP B 181 17.75 6.01 -18.98
CA TRP B 181 16.60 6.90 -19.13
C TRP B 181 16.56 7.93 -18.02
N LEU B 182 16.90 7.53 -16.79
CA LEU B 182 16.90 8.47 -15.67
C LEU B 182 17.92 9.56 -15.88
N ALA B 183 19.07 9.22 -16.47
CA ALA B 183 20.11 10.22 -16.71
C ALA B 183 19.61 11.37 -17.59
N THR B 184 18.54 11.16 -18.36
CA THR B 184 17.98 12.20 -19.22
C THR B 184 16.87 13.02 -18.55
N GLN B 185 16.50 12.72 -17.31
CA GLN B 185 15.36 13.36 -16.65
C GLN B 185 15.83 14.21 -15.48
N PRO B 186 15.87 15.54 -15.63
CA PRO B 186 16.52 16.38 -14.59
C PRO B 186 15.88 16.31 -13.21
N THR B 187 14.54 16.38 -13.12
CA THR B 187 13.90 16.39 -11.81
C THR B 187 14.16 15.07 -11.07
N ARG B 188 14.14 13.95 -11.78
CA ARG B 188 14.40 12.66 -11.15
C ARG B 188 15.86 12.57 -10.70
N ILE B 189 16.78 13.10 -11.50
CA ILE B 189 18.19 13.15 -11.10
C ILE B 189 18.34 13.96 -9.81
N ALA B 190 17.66 15.10 -9.74
CA ALA B 190 17.76 15.93 -8.54
C ALA B 190 17.22 15.20 -7.32
N ASN B 191 16.08 14.52 -7.48
CA ASN B 191 15.52 13.76 -6.38
C ASN B 191 16.47 12.65 -5.92
N PHE B 192 17.10 11.96 -6.87
CA PHE B 192 18.07 10.91 -6.50
C PHE B 192 19.28 11.51 -5.80
N LYS B 193 19.72 12.69 -6.22
CA LYS B 193 20.80 13.38 -5.53
C LYS B 193 20.44 13.63 -4.07
N VAL B 194 19.20 14.04 -3.81
CA VAL B 194 18.78 14.24 -2.42
C VAL B 194 18.69 12.89 -1.70
N LEU B 195 18.20 11.87 -2.39
CA LEU B 195 18.03 10.56 -1.77
C LEU B 195 19.36 9.97 -1.33
N LEU B 196 20.44 10.30 -2.04
CA LEU B 196 21.76 9.83 -1.66
C LEU B 196 22.20 10.36 -0.29
N THR B 197 21.64 11.47 0.17
CA THR B 197 22.08 12.06 1.44
C THR B 197 21.62 11.27 2.65
N ASP B 198 20.65 10.37 2.50
CA ASP B 198 20.23 9.52 3.60
C ASP B 198 21.29 8.44 3.87
N GLU B 199 21.64 8.27 5.14
CA GLU B 199 22.62 7.26 5.54
C GLU B 199 21.91 6.16 6.33
N ARG B 200 22.04 4.93 5.87
CA ARG B 200 21.43 3.80 6.57
C ARG B 200 22.16 3.53 7.88
N THR B 201 21.41 3.08 8.88
CA THR B 201 21.98 2.68 10.15
C THR B 201 21.30 1.40 10.60
N PRO B 202 22.06 0.44 11.16
CA PRO B 202 23.51 0.45 11.36
C PRO B 202 24.26 0.17 10.06
N ASN B 203 25.59 0.17 10.11
CA ASN B 203 26.41 -0.11 8.94
C ASN B 203 27.35 -1.26 9.26
N PHE B 204 28.10 -1.69 8.23
CA PHE B 204 28.89 -2.91 8.33
C PHE B 204 29.99 -2.82 9.38
N LEU B 205 30.46 -1.61 9.69
CA LEU B 205 31.54 -1.50 10.66
C LEU B 205 31.12 -1.88 12.08
N SER B 206 29.81 -2.05 12.34
CA SER B 206 29.38 -2.48 13.66
C SER B 206 29.79 -3.91 13.96
N THR B 207 29.97 -4.74 12.93
CA THR B 207 30.35 -6.14 13.12
C THR B 207 31.57 -6.55 12.30
N PHE B 208 32.10 -5.67 11.45
CA PHE B 208 33.21 -6.03 10.58
C PHE B 208 34.52 -6.08 11.38
N PRO B 209 35.16 -7.21 11.48
CA PRO B 209 36.42 -7.28 12.25
C PRO B 209 37.58 -6.83 11.42
N LEU B 210 37.79 -5.54 11.37
CA LEU B 210 38.77 -4.97 10.51
C LEU B 210 40.19 -5.40 10.77
N GLU B 211 40.60 -5.38 12.03
CA GLU B 211 41.96 -5.79 12.38
C GLU B 211 42.21 -7.25 11.99
N LYS B 212 41.28 -8.09 12.23
CA LYS B 212 41.47 -9.44 11.88
C LYS B 212 41.59 -9.68 10.37
N GLU B 213 40.73 -9.03 9.63
CA GLU B 213 40.73 -9.12 8.22
C GLU B 213 42.03 -8.55 7.66
N LEU B 214 42.52 -7.48 8.21
CA LEU B 214 43.79 -6.92 7.76
C LEU B 214 45.01 -7.78 8.02
N GLY B 215 45.02 -8.40 9.19
CA GLY B 215 46.20 -9.17 9.52
C GLY B 215 47.43 -8.28 9.55
N SER B 216 48.48 -8.72 8.86
CA SER B 216 49.75 -8.00 8.80
C SER B 216 49.85 -7.12 7.56
N TRP B 217 48.73 -6.80 6.92
CA TRP B 217 48.74 -5.99 5.70
C TRP B 217 49.47 -4.68 5.90
N SER B 218 50.28 -4.29 4.94
CA SER B 218 51.03 -3.07 4.97
C SER B 218 50.56 -2.04 3.99
N ALA B 219 50.54 -0.80 4.39
CA ALA B 219 50.07 0.26 3.55
C ALA B 219 51.11 0.85 2.59
N GLU B 220 52.36 0.53 2.77
CA GLU B 220 53.41 1.08 1.93
C GLU B 220 53.76 0.16 0.83
N PRO B 221 53.98 0.69 -0.36
CA PRO B 221 54.04 2.13 -0.62
C PRO B 221 52.80 2.76 -1.23
N GLU B 222 52.25 3.70 -0.51
CA GLU B 222 51.07 4.41 -0.91
C GLU B 222 49.90 3.51 -1.35
N LYS B 223 49.68 2.40 -0.68
CA LYS B 223 48.59 1.52 -1.02
C LYS B 223 47.26 2.01 -0.46
N ALA B 224 46.17 1.52 -1.04
CA ALA B 224 44.84 1.91 -0.62
C ALA B 224 44.28 0.87 0.34
N LEU B 225 43.81 1.33 1.49
CA LEU B 225 43.13 0.43 2.43
C LEU B 225 41.71 0.11 1.96
N PHE B 226 41.02 1.13 1.46
CA PHE B 226 39.57 1.06 1.24
C PHE B 226 39.24 1.86 -0.02
N VAL B 227 38.66 1.19 -1.01
CA VAL B 227 38.22 1.82 -2.24
C VAL B 227 36.71 1.63 -2.32
N ASP B 228 35.96 2.72 -2.14
CA ASP B 228 34.50 2.70 -2.05
C ASP B 228 33.93 2.91 -3.45
N ILE B 229 33.58 1.82 -4.13
CA ILE B 229 33.18 1.88 -5.54
C ILE B 229 31.69 2.17 -5.63
N GLY B 230 31.35 3.30 -6.27
CA GLY B 230 29.98 3.77 -6.23
C GLY B 230 29.58 4.21 -4.84
N GLY B 231 30.49 4.84 -4.10
CA GLY B 231 30.29 5.18 -2.71
C GLY B 231 29.36 6.33 -2.42
N GLY B 232 28.84 6.99 -3.44
CA GLY B 232 27.85 8.05 -3.21
C GLY B 232 28.43 9.21 -2.44
N MSE B 233 27.84 9.51 -1.29
CA MSE B 233 28.31 10.61 -0.44
C MSE B 233 29.56 10.20 0.34
O MSE B 233 30.15 11.02 1.04
CB MSE B 233 27.22 11.05 0.53
CG MSE B 233 25.96 11.56 -0.12
SE MSE B 233 26.27 13.21 -1.12
CE MSE B 233 26.38 12.44 -2.91
N GLY B 234 29.96 8.94 0.21
CA GLY B 234 31.13 8.46 0.92
C GLY B 234 30.88 8.16 2.38
N HIS B 235 29.64 7.86 2.75
CA HIS B 235 29.33 7.57 4.15
C HIS B 235 30.19 6.43 4.69
N ALA B 236 30.44 5.41 3.88
CA ALA B 236 31.28 4.29 4.34
C ALA B 236 32.69 4.77 4.64
N CYS B 237 33.27 5.60 3.75
CA CYS B 237 34.60 6.14 3.98
C CYS B 237 34.64 6.99 5.25
N ILE B 238 33.62 7.83 5.44
CA ILE B 238 33.57 8.70 6.60
C ILE B 238 33.52 7.87 7.88
N ARG B 239 32.63 6.88 7.93
CA ARG B 239 32.51 6.05 9.12
C ARG B 239 33.77 5.24 9.37
N LEU B 240 34.43 4.77 8.30
CA LEU B 240 35.66 4.02 8.47
C LEU B 240 36.76 4.88 9.08
N ARG B 241 36.95 6.09 8.53
CA ARG B 241 37.95 6.99 9.07
C ARG B 241 37.60 7.43 10.49
N GLU B 242 36.31 7.52 10.80
CA GLU B 242 35.88 7.90 12.15
C GLU B 242 36.18 6.81 13.16
N LYS B 243 35.89 5.55 12.80
CA LYS B 243 36.08 4.45 13.74
C LYS B 243 37.54 4.04 13.89
N TYR B 244 38.33 4.13 12.81
CA TYR B 244 39.73 3.72 12.81
C TYR B 244 40.60 4.87 12.33
N PRO B 245 40.68 5.96 13.11
CA PRO B 245 41.38 7.16 12.61
C PRO B 245 42.88 6.96 12.46
N ASN B 246 43.49 6.00 13.15
CA ASN B 246 44.93 5.79 13.11
C ASN B 246 45.33 4.67 12.15
N GLN B 247 44.37 4.04 11.49
CA GLN B 247 44.69 2.96 10.56
C GLN B 247 45.32 3.55 9.30
N PRO B 248 46.52 3.13 8.92
CA PRO B 248 47.15 3.70 7.71
C PRO B 248 46.55 3.11 6.45
N GLY B 249 46.74 3.86 5.36
CA GLY B 249 46.24 3.44 4.06
C GLY B 249 45.30 4.47 3.46
N ARG B 250 45.33 4.59 2.14
CA ARG B 250 44.45 5.53 1.46
C ARG B 250 43.00 5.05 1.52
N VAL B 251 42.10 6.00 1.72
CA VAL B 251 40.66 5.76 1.69
C VAL B 251 40.09 6.55 0.52
N ILE B 252 39.55 5.86 -0.47
CA ILE B 252 39.22 6.46 -1.76
C ILE B 252 37.73 6.27 -2.03
N LEU B 253 37.03 7.38 -2.27
CA LEU B 253 35.64 7.38 -2.69
C LEU B 253 35.60 7.47 -4.21
N GLN B 254 34.98 6.48 -4.84
CA GLN B 254 34.83 6.44 -6.30
C GLN B 254 33.37 6.55 -6.67
N ASP B 255 33.05 7.49 -7.56
CA ASP B 255 31.72 7.65 -8.11
C ASP B 255 31.83 8.53 -9.36
N LEU B 256 30.70 8.87 -9.93
CA LEU B 256 30.67 9.75 -11.09
C LEU B 256 30.85 11.20 -10.66
N PRO B 257 31.35 12.05 -11.56
CA PRO B 257 31.73 13.43 -11.17
C PRO B 257 30.61 14.21 -10.49
N PRO B 258 29.36 14.16 -10.98
CA PRO B 258 28.30 14.95 -10.30
C PRO B 258 28.07 14.53 -8.86
N VAL B 259 28.13 13.22 -8.60
CA VAL B 259 27.93 12.72 -7.24
C VAL B 259 29.10 13.10 -6.34
N LEU B 260 30.33 13.00 -6.84
CA LEU B 260 31.48 13.45 -6.07
C LEU B 260 31.38 14.94 -5.74
N GLN B 261 30.93 15.74 -6.71
CA GLN B 261 30.73 17.15 -6.45
C GLN B 261 29.70 17.36 -5.34
N ALA B 262 28.58 16.63 -5.40
CA ALA B 262 27.60 16.73 -4.33
C ALA B 262 28.17 16.29 -2.99
N ALA B 263 29.10 15.33 -2.99
CA ALA B 263 29.67 14.81 -1.76
C ALA B 263 30.70 15.75 -1.14
N GLN B 264 31.30 16.65 -1.94
CA GLN B 264 32.44 17.42 -1.45
C GLN B 264 32.12 18.19 -0.17
N ALA B 265 30.90 18.69 -0.04
CA ALA B 265 30.57 19.57 1.10
C ALA B 265 30.67 18.85 2.43
N THR B 266 30.17 17.62 2.50
CA THR B 266 30.10 16.88 3.77
C THR B 266 31.30 15.96 3.99
N LEU B 267 32.21 15.87 3.04
CA LEU B 267 33.41 15.08 3.25
C LEU B 267 34.39 15.81 4.17
N PRO B 268 35.18 15.07 4.94
CA PRO B 268 36.26 15.72 5.71
C PRO B 268 37.26 16.37 4.77
N LEU B 269 37.90 17.43 5.26
CA LEU B 269 38.85 18.17 4.44
C LEU B 269 40.09 17.36 4.07
N SER B 270 40.42 16.33 4.86
CA SER B 270 41.59 15.51 4.58
C SER B 270 41.30 14.07 4.97
N GLY B 271 42.02 13.15 4.34
CA GLY B 271 41.97 11.73 4.68
C GLY B 271 41.14 10.88 3.75
N ILE B 272 40.29 11.47 2.92
CA ILE B 272 39.44 10.72 1.99
C ILE B 272 39.56 11.35 0.62
N GLU B 273 40.07 10.59 -0.36
CA GLU B 273 40.20 11.09 -1.72
C GLU B 273 38.90 10.91 -2.49
N SER B 274 38.59 11.89 -3.34
CA SER B 274 37.47 11.80 -4.28
C SER B 274 38.04 11.49 -5.65
N MSE B 275 37.70 10.32 -6.17
CA MSE B 275 38.25 9.88 -7.44
C MSE B 275 37.17 9.51 -8.44
O MSE B 275 36.47 8.51 -8.26
CB MSE B 275 39.19 8.68 -7.23
CG MSE B 275 39.74 8.11 -8.50
SE MSE B 275 40.90 6.59 -8.13
CE MSE B 275 42.16 7.47 -6.93
N PRO B 276 37.03 10.31 -9.50
CA PRO B 276 36.03 9.99 -10.53
C PRO B 276 36.34 8.67 -11.19
N HIS B 277 35.37 7.75 -11.16
CA HIS B 277 35.56 6.44 -11.77
C HIS B 277 34.21 5.83 -12.11
N ASN B 278 34.09 5.35 -13.34
CA ASN B 278 32.92 4.61 -13.80
C ASN B 278 33.16 3.12 -13.55
N PHE B 279 32.31 2.49 -12.73
CA PHE B 279 32.60 1.11 -12.38
C PHE B 279 32.28 0.11 -13.50
N HIS B 280 31.88 0.59 -14.67
CA HIS B 280 31.83 -0.25 -15.86
C HIS B 280 33.15 -0.26 -16.61
N THR B 281 34.18 0.38 -16.07
CA THR B 281 35.52 0.45 -16.66
C THR B 281 36.56 -0.14 -15.70
N PRO B 282 37.73 -0.52 -16.21
CA PRO B 282 38.74 -1.14 -15.35
C PRO B 282 39.09 -0.32 -14.12
N GLN B 283 39.24 -1.00 -12.99
CA GLN B 283 39.56 -0.35 -11.73
C GLN B 283 40.97 0.23 -11.76
N PRO B 284 41.15 1.53 -11.53
CA PRO B 284 42.50 2.10 -11.60
C PRO B 284 43.37 1.77 -10.39
N VAL B 285 42.80 1.67 -9.20
CA VAL B 285 43.59 1.50 -7.99
C VAL B 285 44.03 0.04 -7.88
N GLN B 286 45.35 -0.19 -7.86
CA GLN B 286 45.91 -1.52 -7.88
C GLN B 286 46.26 -2.00 -6.48
N GLY B 287 45.94 -3.26 -6.20
CA GLY B 287 46.37 -3.90 -4.96
C GLY B 287 45.80 -3.33 -3.68
N ALA B 288 44.61 -2.73 -3.74
CA ALA B 288 43.98 -2.24 -2.52
C ALA B 288 43.60 -3.40 -1.62
N LYS B 289 43.53 -3.12 -0.31
CA LYS B 289 43.11 -4.17 0.62
C LYS B 289 41.63 -4.49 0.46
N PHE B 290 40.76 -3.48 0.46
CA PHE B 290 39.32 -3.68 0.35
C PHE B 290 38.78 -2.88 -0.84
N TYR B 291 38.13 -3.57 -1.77
CA TYR B 291 37.32 -2.95 -2.80
C TYR B 291 35.87 -3.16 -2.39
N PHE B 292 35.18 -2.08 -2.04
CA PHE B 292 33.91 -2.10 -1.34
C PHE B 292 32.76 -1.75 -2.29
N LEU B 293 31.75 -2.62 -2.36
CA LEU B 293 30.57 -2.40 -3.21
C LEU B 293 29.32 -2.54 -2.33
N ARG B 294 28.73 -1.42 -1.92
CA ARG B 294 27.57 -1.44 -1.05
C ARG B 294 26.32 -1.04 -1.84
N LEU B 295 25.36 -1.95 -1.91
CA LEU B 295 24.08 -1.73 -2.61
C LEU B 295 24.31 -1.35 -4.07
N ILE B 296 25.32 -1.97 -4.69
CA ILE B 296 25.63 -1.74 -6.09
C ILE B 296 25.11 -2.90 -6.94
N LEU B 297 25.58 -4.11 -6.64
CA LEU B 297 25.35 -5.25 -7.52
C LEU B 297 23.89 -5.67 -7.56
N ARG B 298 23.13 -5.38 -6.50
CA ARG B 298 21.70 -5.70 -6.48
C ARG B 298 20.94 -5.03 -7.61
N ASP B 299 21.46 -3.93 -8.16
CA ASP B 299 20.77 -3.16 -9.19
C ASP B 299 21.07 -3.67 -10.60
N PHE B 300 21.82 -4.76 -10.74
CA PHE B 300 22.20 -5.24 -12.04
C PHE B 300 21.89 -6.73 -12.18
N PRO B 301 21.44 -7.17 -13.35
CA PRO B 301 21.34 -8.62 -13.60
C PRO B 301 22.72 -9.27 -13.54
N ASP B 302 22.72 -10.60 -13.53
CA ASP B 302 23.95 -11.36 -13.34
C ASP B 302 25.03 -10.97 -14.34
N HIS B 303 24.66 -10.76 -15.61
CA HIS B 303 25.64 -10.42 -16.64
C HIS B 303 26.38 -9.13 -16.30
N GLN B 304 25.62 -8.07 -15.99
CA GLN B 304 26.23 -6.77 -15.73
C GLN B 304 26.97 -6.75 -14.39
N ALA B 305 26.40 -7.41 -13.37
CA ALA B 305 27.09 -7.48 -12.09
C ALA B 305 28.42 -8.22 -12.24
N LEU B 306 28.41 -9.30 -13.03
CA LEU B 306 29.65 -10.02 -13.33
C LEU B 306 30.63 -9.10 -14.04
N GLU B 307 30.16 -8.28 -14.97
CA GLU B 307 31.07 -7.37 -15.66
C GLU B 307 31.71 -6.36 -14.70
N ILE B 308 30.94 -5.87 -13.73
CA ILE B 308 31.49 -4.94 -12.73
C ILE B 308 32.59 -5.63 -11.92
N LEU B 309 32.31 -6.86 -11.47
CA LEU B 309 33.32 -7.60 -10.73
C LEU B 309 34.55 -7.88 -11.59
N GLN B 310 34.34 -8.18 -12.87
CA GLN B 310 35.45 -8.48 -13.77
C GLN B 310 36.27 -7.24 -14.07
N ASN B 311 35.67 -6.06 -13.96
CA ASN B 311 36.45 -4.83 -14.03
C ASN B 311 37.30 -4.64 -12.78
N ILE B 312 36.91 -5.24 -11.66
CA ILE B 312 37.73 -5.06 -10.45
C ILE B 312 38.82 -6.13 -10.32
N VAL B 313 38.51 -7.38 -10.66
CA VAL B 313 39.39 -8.53 -10.34
C VAL B 313 40.84 -8.37 -10.82
N PRO B 314 41.11 -7.87 -12.05
CA PRO B 314 42.51 -7.78 -12.48
C PRO B 314 43.36 -6.84 -11.63
N ALA B 315 42.75 -5.93 -10.87
CA ALA B 315 43.50 -5.01 -10.02
C ALA B 315 43.92 -5.63 -8.69
N MSE B 316 43.44 -6.83 -8.37
CA MSE B 316 43.69 -7.44 -7.07
C MSE B 316 45.02 -8.18 -6.97
O MSE B 316 45.49 -8.77 -7.94
CB MSE B 316 42.57 -8.42 -6.72
CG MSE B 316 41.18 -7.80 -6.70
SE MSE B 316 39.82 -9.18 -6.48
CE MSE B 316 40.11 -9.59 -4.60
N ASP B 317 45.61 -8.16 -5.78
CA ASP B 317 46.70 -9.05 -5.43
C ASP B 317 46.18 -10.09 -4.43
N ALA B 318 47.09 -10.93 -3.92
CA ALA B 318 46.68 -12.03 -3.06
C ALA B 318 46.01 -11.53 -1.78
N GLU B 319 46.39 -10.36 -1.29
CA GLU B 319 45.79 -9.82 -0.06
C GLU B 319 44.54 -9.00 -0.32
N SER B 320 44.26 -8.64 -1.56
CA SER B 320 43.06 -7.86 -1.87
C SER B 320 41.80 -8.68 -1.60
N ARG B 321 40.75 -7.97 -1.19
CA ARG B 321 39.43 -8.56 -1.00
C ARG B 321 38.39 -7.66 -1.65
N ILE B 322 37.39 -8.27 -2.25
CA ILE B 322 36.19 -7.56 -2.68
C ILE B 322 35.14 -7.76 -1.62
N VAL B 323 34.65 -6.67 -1.04
CA VAL B 323 33.65 -6.70 0.02
C VAL B 323 32.34 -6.25 -0.61
N ILE B 324 31.42 -7.20 -0.78
CA ILE B 324 30.08 -6.90 -1.26
C ILE B 324 29.19 -6.72 -0.05
N ASP B 325 28.75 -5.49 0.19
CA ASP B 325 27.85 -5.15 1.29
C ASP B 325 26.46 -5.02 0.69
N ASP B 326 25.59 -5.98 0.97
CA ASP B 326 24.31 -6.02 0.26
C ASP B 326 23.35 -6.92 1.02
N GLY B 327 22.14 -7.02 0.47
CA GLY B 327 21.13 -7.88 1.06
C GLY B 327 21.44 -9.34 0.79
N VAL B 328 21.23 -10.17 1.81
CA VAL B 328 21.45 -11.61 1.71
C VAL B 328 20.21 -12.32 2.23
N PRO B 329 19.10 -12.31 1.49
CA PRO B 329 17.88 -12.91 2.02
C PRO B 329 18.08 -14.39 2.27
N PRO B 330 17.30 -14.97 3.19
CA PRO B 330 17.46 -16.39 3.50
C PRO B 330 16.83 -17.27 2.42
N GLU B 331 17.19 -18.56 2.49
CA GLU B 331 16.61 -19.55 1.59
C GLU B 331 15.11 -19.66 1.78
N LYS B 332 14.61 -19.49 3.01
CA LYS B 332 13.19 -19.54 3.28
C LYS B 332 12.84 -18.54 4.36
N GLY B 333 11.56 -18.20 4.43
CA GLY B 333 11.08 -17.24 5.42
C GLY B 333 11.58 -15.83 5.22
N ALA B 334 11.86 -15.43 3.98
CA ALA B 334 12.30 -14.07 3.73
C ALA B 334 11.18 -13.07 4.05
N ARG B 335 11.59 -11.90 4.52
CA ARG B 335 10.65 -10.88 5.00
C ARG B 335 10.20 -9.97 3.85
N TRP B 336 9.10 -9.25 4.11
CA TRP B 336 8.53 -8.40 3.07
C TRP B 336 9.51 -7.34 2.59
N ALA B 337 10.39 -6.86 3.46
CA ALA B 337 11.31 -5.81 3.07
C ALA B 337 12.41 -6.31 2.12
N GLU B 338 12.69 -7.61 2.10
CA GLU B 338 13.65 -8.15 1.14
C GLU B 338 13.01 -8.74 -0.11
N THR B 339 11.75 -9.17 -0.05
CA THR B 339 11.07 -9.70 -1.23
C THR B 339 10.40 -8.61 -2.07
N GLY B 340 9.80 -7.62 -1.42
CA GLY B 340 9.26 -6.49 -2.17
C GLY B 340 10.32 -5.76 -2.96
N THR B 341 11.52 -5.61 -2.37
CA THR B 341 12.65 -5.06 -3.12
C THR B 341 12.95 -5.90 -4.34
N ASP B 342 12.94 -7.22 -4.19
CA ASP B 342 13.19 -8.12 -5.31
C ASP B 342 12.21 -7.86 -6.45
N ILE B 343 10.93 -7.75 -6.12
CA ILE B 343 9.92 -7.50 -7.16
C ILE B 343 10.14 -6.13 -7.82
N CYS B 344 10.45 -5.11 -7.01
CA CYS B 344 10.64 -3.77 -7.55
C CYS B 344 11.83 -3.72 -8.50
N ILE B 345 12.96 -4.30 -8.09
CA ILE B 345 14.14 -4.21 -8.92
C ILE B 345 14.03 -5.14 -10.12
N MSE B 346 13.27 -6.22 -10.02
CA MSE B 346 12.99 -7.01 -11.22
C MSE B 346 12.23 -6.17 -12.23
O MSE B 346 12.55 -6.16 -13.42
CB MSE B 346 12.19 -8.26 -10.87
CG MSE B 346 11.78 -9.07 -12.08
SE MSE B 346 10.52 -10.47 -11.60
CE MSE B 346 8.94 -9.37 -11.41
N SER B 347 11.21 -5.46 -11.74
CA SER B 347 10.34 -4.71 -12.65
C SER B 347 11.06 -3.51 -13.25
N ALA B 348 11.91 -2.83 -12.48
CA ALA B 348 12.52 -1.61 -12.99
C ALA B 348 13.89 -1.85 -13.62
N LEU B 349 14.71 -2.73 -13.04
CA LEU B 349 16.09 -2.88 -13.44
C LEU B 349 16.41 -4.25 -14.04
N GLY B 350 15.48 -5.19 -14.00
CA GLY B 350 15.80 -6.54 -14.45
C GLY B 350 16.71 -7.33 -13.54
N SER B 351 17.00 -6.83 -12.34
CA SER B 351 17.91 -7.46 -11.42
C SER B 351 17.13 -8.27 -10.39
N LYS B 352 17.76 -8.62 -9.27
CA LYS B 352 17.14 -9.51 -8.30
C LYS B 352 17.92 -9.45 -6.99
N GLU B 353 17.22 -9.80 -5.91
CA GLU B 353 17.90 -10.11 -4.66
C GLU B 353 18.55 -11.48 -4.75
N ARG B 354 19.65 -11.66 -4.02
CA ARG B 354 20.44 -12.88 -4.12
C ARG B 354 20.66 -13.48 -2.74
N THR B 355 20.34 -14.76 -2.59
CA THR B 355 20.74 -15.50 -1.40
C THR B 355 22.26 -15.60 -1.34
N GLN B 356 22.76 -16.09 -0.20
CA GLN B 356 24.20 -16.26 -0.07
C GLN B 356 24.76 -17.20 -1.13
N ARG B 357 24.04 -18.30 -1.40
CA ARG B 357 24.50 -19.23 -2.42
C ARG B 357 24.51 -18.58 -3.80
N GLN B 358 23.53 -17.73 -4.09
CA GLN B 358 23.50 -17.05 -5.38
C GLN B 358 24.63 -16.04 -5.51
N TRP B 359 24.92 -15.31 -4.43
CA TRP B 359 26.10 -14.44 -4.41
C TRP B 359 27.36 -15.24 -4.68
N GLU B 360 27.49 -16.42 -4.06
CA GLU B 360 28.70 -17.21 -4.23
C GLU B 360 28.83 -17.73 -5.66
N GLU B 361 27.71 -18.12 -6.28
CA GLU B 361 27.77 -18.56 -7.67
C GLU B 361 28.19 -17.42 -8.60
N LEU B 362 27.58 -16.25 -8.41
CA LEU B 362 27.95 -15.08 -9.21
C LEU B 362 29.43 -14.74 -9.05
N ALA B 363 29.91 -14.69 -7.81
CA ALA B 363 31.30 -14.33 -7.57
C ALA B 363 32.25 -15.39 -8.10
N ALA B 364 31.87 -16.67 -8.03
CA ALA B 364 32.71 -17.71 -8.60
C ALA B 364 32.87 -17.54 -10.09
N LYS B 365 31.83 -17.03 -10.76
CA LYS B 365 31.98 -16.71 -12.18
C LYS B 365 33.07 -15.66 -12.41
N ALA B 366 33.37 -14.82 -11.43
CA ALA B 366 34.42 -13.83 -11.55
C ALA B 366 35.77 -14.32 -11.02
N GLY B 367 35.86 -15.58 -10.62
CA GLY B 367 37.09 -16.09 -10.05
C GLY B 367 37.28 -15.80 -8.59
N LEU B 368 36.20 -15.58 -7.85
CA LEU B 368 36.25 -15.20 -6.44
C LEU B 368 35.67 -16.30 -5.57
N GLN B 369 36.18 -16.38 -4.34
CA GLN B 369 35.68 -17.32 -3.34
C GLN B 369 35.35 -16.55 -2.06
N LEU B 370 34.28 -16.97 -1.40
CA LEU B 370 33.83 -16.32 -0.17
C LEU B 370 34.71 -16.77 1.00
N GLN B 371 35.31 -15.81 1.69
CA GLN B 371 36.13 -16.04 2.87
C GLN B 371 35.36 -15.88 4.17
N ALA B 372 34.48 -14.87 4.24
CA ALA B 372 33.75 -14.58 5.46
C ALA B 372 32.49 -13.79 5.12
N LEU B 373 31.51 -13.87 6.02
CA LEU B 373 30.25 -13.15 5.89
C LEU B 373 29.91 -12.54 7.23
N TYR B 374 29.75 -11.22 7.27
CA TYR B 374 29.55 -10.50 8.52
C TYR B 374 28.20 -9.78 8.48
N GLN B 375 27.17 -10.41 9.03
CA GLN B 375 25.86 -9.79 9.12
C GLN B 375 25.89 -8.59 10.06
N TYR B 376 25.10 -7.57 9.73
CA TYR B 376 24.99 -6.43 10.62
C TYR B 376 23.58 -5.88 10.77
N THR B 377 22.58 -6.42 10.09
CA THR B 377 21.17 -6.10 10.34
C THR B 377 20.36 -7.37 10.49
N TRP B 378 19.29 -7.28 11.26
CA TRP B 378 18.35 -8.36 11.55
C TRP B 378 16.98 -7.74 11.74
N PRO B 379 15.89 -8.44 11.38
CA PRO B 379 15.88 -9.78 10.77
C PRO B 379 16.11 -9.76 9.26
N VAL B 380 15.84 -8.64 8.60
CA VAL B 380 16.24 -8.50 7.21
C VAL B 380 17.76 -8.40 7.19
N VAL B 381 18.41 -9.30 6.47
CA VAL B 381 19.85 -9.48 6.59
C VAL B 381 20.56 -8.62 5.53
N ASN B 382 21.38 -7.70 6.00
CA ASN B 382 22.41 -7.05 5.20
C ASN B 382 23.75 -7.51 5.74
N ALA B 383 24.68 -7.80 4.83
CA ALA B 383 25.95 -8.35 5.26
C ALA B 383 27.07 -7.85 4.36
N ALA B 384 28.26 -7.77 4.95
CA ALA B 384 29.50 -7.55 4.22
C ALA B 384 30.11 -8.92 3.94
N MSE B 385 30.11 -9.32 2.67
CA MSE B 385 30.69 -10.57 2.24
C MSE B 385 32.08 -10.30 1.69
O MSE B 385 32.23 -9.50 0.79
CB MSE B 385 29.82 -11.24 1.19
CG MSE B 385 28.46 -11.69 1.70
SE MSE B 385 27.23 -12.02 0.24
CE MSE B 385 26.79 -10.19 -0.19
N VAL B 386 33.08 -10.97 2.25
CA VAL B 386 34.47 -10.76 1.89
C VAL B 386 34.87 -11.87 0.92
N PHE B 387 35.32 -11.49 -0.27
CA PHE B 387 35.72 -12.42 -1.31
C PHE B 387 37.19 -12.22 -1.63
N SER B 388 37.87 -13.33 -1.91
CA SER B 388 39.27 -13.30 -2.34
C SER B 388 39.38 -13.99 -3.69
N LEU B 389 40.54 -13.88 -4.31
CA LEU B 389 40.80 -14.62 -5.54
C LEU B 389 40.77 -16.11 -5.26
N GLN B 390 40.27 -16.88 -6.22
CA GLN B 390 40.21 -18.33 -6.10
C GLN B 390 41.61 -18.93 -6.02
N SAM C . -27.51 -0.88 -3.19
CA SAM C . -26.53 -1.92 -3.47
C SAM C . -26.24 -2.76 -2.24
O SAM C . -25.79 -2.25 -1.22
OXT SAM C . -26.42 -3.99 -2.25
CB SAM C . -25.24 -1.31 -3.99
CG SAM C . -25.12 -1.38 -5.51
SD SAM C . -23.71 -0.45 -6.18
CE SAM C . -23.04 0.38 -4.71
C5' SAM C . -24.59 0.90 -7.03
C4' SAM C . -25.83 0.41 -7.75
O4' SAM C . -26.56 1.49 -8.31
C3' SAM C . -25.50 -0.53 -8.90
O3' SAM C . -26.27 -1.70 -8.75
C2' SAM C . -25.91 0.20 -10.15
O2' SAM C . -26.43 -0.67 -11.13
C1' SAM C . -26.98 1.14 -9.62
N9 SAM C . -27.18 2.32 -10.45
C8 SAM C . -26.23 3.14 -11.01
N7 SAM C . -26.86 4.13 -11.69
C5 SAM C . -28.20 3.95 -11.56
C6 SAM C . -29.30 4.65 -12.05
N6 SAM C . -29.11 5.74 -12.79
N1 SAM C . -30.56 4.22 -11.74
C2 SAM C . -30.75 3.09 -10.98
N3 SAM C . -29.66 2.40 -10.50
C4 SAM C . -28.41 2.82 -10.79
N SAM D . 27.59 2.66 -2.08
CA SAM D . 26.55 3.63 -1.74
C SAM D . 26.18 3.58 -0.26
O SAM D . 26.36 4.55 0.48
OXT SAM D . 25.70 2.57 0.22
CB SAM D . 25.30 3.36 -2.58
CG SAM D . 24.93 4.53 -3.48
SD SAM D . 23.56 4.17 -4.60
CE SAM D . 22.99 2.57 -4.01
C5' SAM D . 24.43 3.75 -6.12
C4' SAM D . 25.66 4.63 -6.34
O4' SAM D . 26.37 4.18 -7.48
C3' SAM D . 25.27 6.08 -6.60
O3' SAM D . 26.05 6.90 -5.76
C2' SAM D . 25.64 6.32 -8.05
O2' SAM D . 26.14 7.62 -8.24
C1' SAM D . 26.73 5.29 -8.26
N9 SAM D . 26.88 4.91 -9.67
C8 SAM D . 25.90 4.64 -10.58
N7 SAM D . 26.49 4.32 -11.75
C5 SAM D . 27.83 4.38 -11.60
C6 SAM D . 28.89 4.14 -12.46
N6 SAM D . 28.66 3.78 -13.72
N1 SAM D . 30.18 4.29 -12.00
C2 SAM D . 30.42 4.66 -10.69
N3 SAM D . 29.36 4.89 -9.84
C4 SAM D . 28.09 4.75 -10.29
#